data_8G0Q
#
_entry.id   8G0Q
#
_cell.length_a   129.997
_cell.length_b   129.997
_cell.length_c   216.308
_cell.angle_alpha   90.000
_cell.angle_beta   90.000
_cell.angle_gamma   120.000
#
_symmetry.space_group_name_H-M   'P 32 1 2'
#
loop_
_entity.id
_entity.type
_entity.pdbx_description
1 polymer 'Kinetochore protein NDC80'
2 polymer 'DASH complex subunit DAM1,Kinetochore protein NUF2'
#
loop_
_entity_poly.entity_id
_entity_poly.type
_entity_poly.pdbx_seq_one_letter_code
_entity_poly.pdbx_strand_id
1 'polypeptide(L)'
;SGSSLQQHLSNRDPRPLRDKNFQSAIQEEIYDYLKKNKFDIETNHPISIKFLKQPTQKGFIIIFKWLYLRLDPGYGFTKS
IENEIYQILKNLRYPFLESINKSQISAVGGSNWHKFLGMLHWMVRTNIKLDMCLNKVDRSLINQNTQEITILSQPLKTLD
EQDQRQERYELMVEKLLIDYFTESYKSFLKLEDNYEPSMQELKLGFEKFVHIINTDVTSTELKLEELKVDLNRKRYKLHQ
QVIHVIDITSKFKINIQSSLENSENELGNVIEELRNLEFETEHNVTN
;
A,C
2 'polypeptide(L)'
;MKLRRKSILHTIRNSIASGARISLGSGAARVVNGPVSRNQDVFPILDLQELVICLQSCDFALATQENISRPTSDYMVTLY
KQIIENFMGISVESLLNSSNQETGDGHLQEENENIYLDTLNVLVLNKICFKFFENIGVQDFNMTDLYKPEAQRTQRLLSA
VVNYARFREERMFDCNSFILQMESLLGQINKLNDEIKQLQKDFEVEVKEIEIEYSLLSGHINKYMNEMLEYMQ
;
B,D
#
# COMPACT_ATOMS: atom_id res chain seq x y z
N ARG A 12 -15.60 -12.02 -40.46
CA ARG A 12 -16.47 -11.12 -41.21
C ARG A 12 -16.36 -9.70 -40.67
N ASP A 13 -17.04 -8.76 -41.35
CA ASP A 13 -17.07 -7.36 -40.96
C ASP A 13 -18.51 -6.96 -40.69
N PRO A 14 -18.97 -7.09 -39.43
CA PRO A 14 -20.38 -6.73 -39.13
C PRO A 14 -20.66 -5.24 -39.19
N ARG A 15 -19.65 -4.40 -39.34
CA ARG A 15 -19.88 -2.95 -39.33
C ARG A 15 -20.75 -2.53 -40.51
N PRO A 16 -21.79 -1.71 -40.28
CA PRO A 16 -22.56 -1.14 -41.42
C PRO A 16 -21.82 0.03 -42.06
N LEU A 17 -20.71 -0.31 -42.73
CA LEU A 17 -19.80 0.72 -43.22
C LEU A 17 -20.47 1.63 -44.25
N ARG A 18 -21.37 1.08 -45.06
CA ARG A 18 -21.93 1.83 -46.18
C ARG A 18 -22.94 2.88 -45.74
N ASP A 19 -23.53 2.74 -44.55
CA ASP A 19 -24.42 3.77 -44.05
C ASP A 19 -23.70 5.11 -43.93
N LYS A 20 -24.35 6.18 -44.37
CA LYS A 20 -23.71 7.49 -44.39
C LYS A 20 -23.82 8.25 -43.08
N ASN A 21 -24.85 7.97 -42.26
CA ASN A 21 -24.84 8.52 -40.90
C ASN A 21 -23.71 7.91 -40.08
N PHE A 22 -23.53 6.59 -40.21
CA PHE A 22 -22.40 5.91 -39.58
C PHE A 22 -21.08 6.52 -40.05
N GLN A 23 -20.94 6.72 -41.36
CA GLN A 23 -19.73 7.35 -41.89
C GLN A 23 -19.54 8.76 -41.35
N SER A 24 -20.62 9.53 -41.25
CA SER A 24 -20.50 10.89 -40.71
C SER A 24 -19.98 10.86 -39.28
N ALA A 25 -20.53 9.96 -38.46
CA ALA A 25 -20.07 9.84 -37.09
C ALA A 25 -18.58 9.46 -37.05
N ILE A 26 -18.19 8.49 -37.87
CA ILE A 26 -16.80 8.05 -37.89
C ILE A 26 -15.87 9.19 -38.30
N GLN A 27 -16.27 9.96 -39.32
CA GLN A 27 -15.42 11.03 -39.81
C GLN A 27 -15.30 12.14 -38.77
N GLU A 28 -16.39 12.43 -38.05
CA GLU A 28 -16.30 13.42 -36.98
C GLU A 28 -15.37 12.94 -35.87
N GLU A 29 -15.47 11.65 -35.49
CA GLU A 29 -14.57 11.13 -34.45
C GLU A 29 -13.11 11.19 -34.89
N ILE A 30 -12.82 10.78 -36.12
CA ILE A 30 -11.44 10.81 -36.60
C ILE A 30 -10.91 12.23 -36.62
N TYR A 31 -11.70 13.18 -37.13
CA TYR A 31 -11.28 14.57 -37.13
C TYR A 31 -10.99 15.05 -35.72
N ASP A 32 -11.90 14.75 -34.78
CA ASP A 32 -11.72 15.20 -33.41
C ASP A 32 -10.44 14.63 -32.81
N TYR A 33 -10.17 13.35 -33.04
CA TYR A 33 -8.97 12.74 -32.48
C TYR A 33 -7.71 13.37 -33.06
N LEU A 34 -7.68 13.55 -34.38
CA LEU A 34 -6.47 14.11 -34.99
C LEU A 34 -6.25 15.55 -34.57
N LYS A 35 -7.32 16.33 -34.38
CA LYS A 35 -7.14 17.69 -33.90
C LYS A 35 -6.69 17.71 -32.44
N LYS A 36 -7.27 16.85 -31.61
CA LYS A 36 -6.91 16.83 -30.19
C LYS A 36 -5.46 16.40 -29.98
N ASN A 37 -4.87 15.68 -30.93
CA ASN A 37 -3.50 15.21 -30.82
C ASN A 37 -2.61 15.86 -31.88
N LYS A 38 -3.08 16.93 -32.50
CA LYS A 38 -2.25 17.81 -33.34
C LYS A 38 -1.60 17.04 -34.48
N PHE A 39 -2.42 16.34 -35.26
CA PHE A 39 -1.96 15.80 -36.53
C PHE A 39 -1.59 16.91 -37.50
N ASP A 40 -2.43 17.95 -37.57
CA ASP A 40 -2.21 19.02 -38.53
C ASP A 40 -0.91 19.77 -38.26
N ILE A 41 -0.42 19.76 -37.03
CA ILE A 41 0.79 20.50 -36.70
C ILE A 41 2.03 19.62 -36.84
N GLU A 42 2.01 18.41 -36.27
CA GLU A 42 3.17 17.54 -36.37
C GLU A 42 3.54 17.29 -37.82
N THR A 43 2.55 16.97 -38.65
CA THR A 43 2.69 16.96 -40.10
C THR A 43 1.94 18.16 -40.64
N ASN A 44 2.59 18.92 -41.53
CA ASN A 44 1.99 20.17 -42.00
C ASN A 44 0.75 19.93 -42.86
N HIS A 45 0.49 18.70 -43.27
CA HIS A 45 -0.73 18.41 -44.00
C HIS A 45 -1.92 18.71 -43.08
N PRO A 46 -2.83 19.60 -43.46
CA PRO A 46 -3.99 19.87 -42.60
C PRO A 46 -5.06 18.80 -42.77
N ILE A 47 -6.05 18.85 -41.89
CA ILE A 47 -7.14 17.88 -41.92
C ILE A 47 -8.45 18.59 -41.66
N SER A 48 -9.47 18.23 -42.42
CA SER A 48 -10.82 18.73 -42.25
C SER A 48 -11.78 17.61 -42.58
N ILE A 49 -13.02 17.74 -42.08
CA ILE A 49 -14.00 16.68 -42.32
C ILE A 49 -14.29 16.52 -43.80
N LYS A 50 -14.26 17.63 -44.56
CA LYS A 50 -14.47 17.52 -46.00
C LYS A 50 -13.41 16.61 -46.61
N PHE A 51 -12.16 16.70 -46.14
CA PHE A 51 -11.12 15.79 -46.62
C PHE A 51 -11.47 14.35 -46.29
N LEU A 52 -11.95 14.09 -45.08
CA LEU A 52 -12.32 12.73 -44.71
C LEU A 52 -13.44 12.21 -45.59
N LYS A 53 -14.32 13.10 -46.07
CA LYS A 53 -15.34 12.71 -47.03
C LYS A 53 -14.76 12.52 -48.43
N GLN A 54 -13.74 13.29 -48.79
CA GLN A 54 -13.11 13.23 -50.12
C GLN A 54 -11.61 13.06 -49.94
N PRO A 55 -11.15 11.84 -49.65
CA PRO A 55 -9.74 11.66 -49.29
C PRO A 55 -8.84 11.56 -50.51
N THR A 56 -7.62 12.05 -50.34
CA THR A 56 -6.55 11.85 -51.31
C THR A 56 -5.71 10.65 -50.88
N GLN A 57 -4.96 10.10 -51.83
CA GLN A 57 -4.12 8.95 -51.52
C GLN A 57 -3.01 9.34 -50.55
N LYS A 58 -2.33 10.45 -50.83
CA LYS A 58 -1.21 10.87 -50.01
C LYS A 58 -1.66 11.16 -48.58
N GLY A 59 -2.79 11.84 -48.42
CA GLY A 59 -3.30 12.10 -47.09
C GLY A 59 -3.65 10.83 -46.35
N PHE A 60 -4.18 9.84 -47.05
CA PHE A 60 -4.43 8.54 -46.44
C PHE A 60 -3.13 7.92 -45.92
N ILE A 61 -2.08 7.95 -46.75
CA ILE A 61 -0.81 7.38 -46.29
C ILE A 61 -0.30 8.13 -45.07
N ILE A 62 -0.40 9.46 -45.09
CA ILE A 62 0.10 10.25 -43.96
C ILE A 62 -0.66 9.90 -42.69
N ILE A 63 -2.00 9.81 -42.78
CA ILE A 63 -2.79 9.52 -41.59
C ILE A 63 -2.50 8.12 -41.07
N PHE A 64 -2.40 7.13 -41.97
CA PHE A 64 -2.09 5.77 -41.53
C PHE A 64 -0.74 5.73 -40.83
N LYS A 65 0.26 6.40 -41.42
CA LYS A 65 1.59 6.42 -40.81
C LYS A 65 1.55 7.07 -39.43
N TRP A 66 0.87 8.21 -39.33
CA TRP A 66 0.83 8.92 -38.05
C TRP A 66 0.17 8.07 -36.99
N LEU A 67 -0.94 7.44 -37.32
CA LEU A 67 -1.67 6.61 -36.36
C LEU A 67 -0.81 5.42 -35.91
N TYR A 68 -0.23 4.70 -36.88
CA TYR A 68 0.53 3.51 -36.48
C TYR A 68 1.78 3.88 -35.71
N LEU A 69 2.38 5.05 -36.00
CA LEU A 69 3.54 5.46 -35.22
C LEU A 69 3.15 5.90 -33.82
N ARG A 70 1.96 6.49 -33.66
CA ARG A 70 1.45 6.67 -32.31
C ARG A 70 1.19 5.33 -31.63
N LEU A 71 0.98 4.27 -32.41
CA LEU A 71 0.72 2.95 -31.84
C LEU A 71 2.00 2.15 -31.62
N ASP A 72 3.05 2.42 -32.38
CA ASP A 72 4.29 1.64 -32.31
C ASP A 72 5.45 2.53 -32.74
N PRO A 73 5.93 3.40 -31.84
CA PRO A 73 6.92 4.41 -32.25
C PRO A 73 8.22 3.83 -32.78
N GLY A 74 8.59 2.61 -32.36
CA GLY A 74 9.87 2.06 -32.76
C GLY A 74 9.93 1.64 -34.21
N TYR A 75 8.78 1.49 -34.85
CA TYR A 75 8.72 1.04 -36.23
C TYR A 75 9.13 2.18 -37.16
N GLY A 76 10.00 1.88 -38.11
CA GLY A 76 10.37 2.82 -39.14
C GLY A 76 9.96 2.26 -40.49
N PHE A 77 9.27 3.05 -41.31
CA PHE A 77 8.73 2.43 -42.50
C PHE A 77 9.83 2.12 -43.48
N THR A 78 9.53 1.19 -44.37
CA THR A 78 10.50 0.62 -45.30
C THR A 78 9.70 -0.07 -46.40
N LYS A 79 10.38 -0.78 -47.28
CA LYS A 79 9.69 -1.68 -48.20
C LYS A 79 8.80 -0.90 -49.14
N SER A 80 7.55 -1.31 -49.29
CA SER A 80 6.56 -0.72 -50.16
C SER A 80 5.26 -0.69 -49.37
N ILE A 81 4.75 0.51 -49.08
CA ILE A 81 3.67 0.63 -48.10
C ILE A 81 2.54 -0.34 -48.37
N GLU A 82 2.31 -0.72 -49.63
CA GLU A 82 1.30 -1.74 -49.88
C GLU A 82 1.70 -3.05 -49.21
N ASN A 83 3.00 -3.37 -49.24
CA ASN A 83 3.50 -4.58 -48.60
C ASN A 83 3.57 -4.47 -47.08
N GLU A 84 3.65 -3.25 -46.53
CA GLU A 84 3.76 -3.11 -45.09
C GLU A 84 2.44 -2.90 -44.38
N ILE A 85 1.45 -2.29 -45.03
CA ILE A 85 0.16 -2.09 -44.36
C ILE A 85 -0.46 -3.44 -44.04
N TYR A 86 -0.42 -4.36 -45.02
CA TYR A 86 -0.90 -5.71 -44.80
C TYR A 86 -0.17 -6.39 -43.65
N GLN A 87 1.16 -6.29 -43.64
CA GLN A 87 1.93 -6.93 -42.58
C GLN A 87 1.64 -6.33 -41.21
N ILE A 88 1.48 -5.00 -41.13
CA ILE A 88 1.11 -4.37 -39.88
C ILE A 88 -0.23 -4.92 -39.39
N LEU A 89 -1.22 -4.93 -40.27
CA LEU A 89 -2.54 -5.43 -39.88
C LEU A 89 -2.47 -6.90 -39.49
N LYS A 90 -1.67 -7.69 -40.19
CA LYS A 90 -1.48 -9.09 -39.86
C LYS A 90 -0.86 -9.26 -38.48
N ASN A 91 0.11 -8.42 -38.15
CA ASN A 91 0.75 -8.51 -36.84
C ASN A 91 -0.17 -7.98 -35.74
N LEU A 92 -0.98 -6.98 -36.07
CA LEU A 92 -2.01 -6.48 -35.17
C LEU A 92 -3.23 -7.40 -35.13
N ARG A 93 -3.24 -8.45 -35.94
CA ARG A 93 -4.35 -9.42 -35.97
C ARG A 93 -5.68 -8.68 -36.09
N TYR A 94 -5.71 -7.68 -36.97
CA TYR A 94 -6.92 -6.97 -37.36
C TYR A 94 -7.97 -8.00 -37.73
N PRO A 95 -9.05 -8.12 -36.96
CA PRO A 95 -9.98 -9.25 -37.19
C PRO A 95 -10.63 -9.23 -38.56
N PHE A 96 -10.69 -8.08 -39.23
CA PHE A 96 -11.36 -7.96 -40.51
C PHE A 96 -10.35 -7.96 -41.66
N LEU A 97 -9.17 -8.53 -41.42
CA LEU A 97 -8.11 -8.53 -42.44
C LEU A 97 -8.51 -9.35 -43.66
N GLU A 98 -9.12 -10.51 -43.44
CA GLU A 98 -9.47 -11.39 -44.56
C GLU A 98 -10.52 -10.78 -45.47
N SER A 99 -11.27 -9.79 -44.99
CA SER A 99 -12.28 -9.13 -45.80
C SER A 99 -11.73 -8.07 -46.74
N ILE A 100 -10.46 -7.70 -46.63
CA ILE A 100 -9.88 -6.61 -47.39
C ILE A 100 -8.78 -7.14 -48.30
N ASN A 101 -8.81 -6.72 -49.56
CA ASN A 101 -7.80 -7.10 -50.55
C ASN A 101 -6.68 -6.07 -50.61
N LYS A 102 -5.44 -6.56 -50.75
CA LYS A 102 -4.27 -5.67 -50.70
C LYS A 102 -4.24 -4.69 -51.86
N SER A 103 -4.62 -5.13 -53.07
CA SER A 103 -4.53 -4.26 -54.24
C SER A 103 -5.30 -2.97 -54.03
N GLN A 104 -6.43 -3.02 -53.32
CA GLN A 104 -7.24 -1.83 -53.13
C GLN A 104 -6.49 -0.72 -52.40
N ILE A 105 -5.43 -1.05 -51.67
CA ILE A 105 -4.66 -0.02 -50.98
C ILE A 105 -4.12 0.99 -51.98
N SER A 106 -3.89 0.56 -53.23
CA SER A 106 -3.32 1.46 -54.23
C SER A 106 -4.21 2.66 -54.47
N ALA A 107 -5.52 2.45 -54.57
CA ALA A 107 -6.49 3.51 -54.83
C ALA A 107 -7.45 3.58 -53.65
N VAL A 108 -7.11 4.42 -52.66
CA VAL A 108 -7.89 4.47 -51.43
C VAL A 108 -9.24 5.15 -51.65
N GLY A 109 -9.26 6.25 -52.39
CA GLY A 109 -10.45 7.06 -52.51
C GLY A 109 -11.50 6.55 -53.46
N GLY A 110 -11.32 5.35 -54.02
CA GLY A 110 -12.23 4.84 -55.02
C GLY A 110 -13.48 4.16 -54.48
N SER A 111 -13.81 3.01 -55.06
CA SER A 111 -15.05 2.32 -54.71
C SER A 111 -15.03 1.83 -53.27
N ASN A 112 -13.86 1.38 -52.79
CA ASN A 112 -13.77 0.69 -51.51
C ASN A 112 -13.18 1.58 -50.42
N TRP A 113 -13.49 2.88 -50.47
CA TRP A 113 -13.08 3.79 -49.40
C TRP A 113 -13.74 3.48 -48.07
N HIS A 114 -14.91 2.83 -48.06
CA HIS A 114 -15.59 2.58 -46.80
C HIS A 114 -14.79 1.67 -45.88
N LYS A 115 -14.21 0.59 -46.43
CA LYS A 115 -13.39 -0.29 -45.60
C LYS A 115 -12.17 0.43 -45.05
N PHE A 116 -11.56 1.29 -45.85
CA PHE A 116 -10.37 2.02 -45.41
C PHE A 116 -10.71 3.01 -44.29
N LEU A 117 -11.81 3.74 -44.45
CA LEU A 117 -12.25 4.61 -43.36
C LEU A 117 -12.57 3.79 -42.13
N GLY A 118 -13.12 2.59 -42.32
CA GLY A 118 -13.38 1.71 -41.20
C GLY A 118 -12.13 1.30 -40.45
N MET A 119 -11.07 0.95 -41.19
CA MET A 119 -9.84 0.57 -40.49
C MET A 119 -9.22 1.78 -39.80
N LEU A 120 -9.35 2.97 -40.37
CA LEU A 120 -8.86 4.16 -39.69
C LEU A 120 -9.61 4.39 -38.38
N HIS A 121 -10.92 4.21 -38.39
CA HIS A 121 -11.67 4.29 -37.14
C HIS A 121 -11.23 3.22 -36.16
N TRP A 122 -11.01 2.00 -36.67
CA TRP A 122 -10.48 0.93 -35.83
C TRP A 122 -9.19 1.37 -35.16
N MET A 123 -8.29 1.96 -35.93
CA MET A 123 -7.00 2.38 -35.37
C MET A 123 -7.16 3.48 -34.35
N VAL A 124 -8.06 4.43 -34.59
CA VAL A 124 -8.26 5.51 -33.62
C VAL A 124 -8.78 4.94 -32.30
N ARG A 125 -9.76 4.04 -32.39
CA ARG A 125 -10.27 3.42 -31.18
C ARG A 125 -9.18 2.64 -30.47
N THR A 126 -8.37 1.90 -31.24
CA THR A 126 -7.30 1.12 -30.64
C THR A 126 -6.29 2.03 -29.95
N ASN A 127 -6.02 3.19 -30.55
CA ASN A 127 -5.08 4.14 -29.96
C ASN A 127 -5.60 4.66 -28.63
N ILE A 128 -6.87 5.05 -28.60
CA ILE A 128 -7.46 5.57 -27.36
C ILE A 128 -7.44 4.50 -26.28
N LYS A 129 -7.87 3.28 -26.64
CA LYS A 129 -7.90 2.20 -25.66
C LYS A 129 -6.49 1.82 -25.20
N LEU A 130 -5.51 1.89 -26.11
CA LEU A 130 -4.13 1.63 -25.72
C LEU A 130 -3.64 2.64 -24.70
N ASP A 131 -3.96 3.92 -24.93
CA ASP A 131 -3.57 4.93 -23.95
C ASP A 131 -4.21 4.65 -22.60
N MET A 132 -5.48 4.28 -22.60
CA MET A 132 -6.14 3.93 -21.35
C MET A 132 -5.45 2.75 -20.67
N CYS A 133 -5.09 1.73 -21.44
CA CYS A 133 -4.44 0.55 -20.86
C CYS A 133 -3.10 0.92 -20.25
N LEU A 134 -2.33 1.79 -20.91
CA LEU A 134 -1.05 2.20 -20.37
C LEU A 134 -1.23 2.97 -19.06
N ASN A 135 -2.22 3.86 -18.99
CA ASN A 135 -2.47 4.52 -17.72
C ASN A 135 -2.84 3.49 -16.65
N LYS A 136 -3.68 2.51 -17.01
CA LYS A 136 -4.09 1.49 -16.05
C LYS A 136 -2.88 0.75 -15.50
N VAL A 137 -1.97 0.34 -16.38
CA VAL A 137 -0.83 -0.45 -15.94
C VAL A 137 0.14 0.40 -15.12
N ASP A 138 0.29 1.68 -15.48
CA ASP A 138 1.15 2.56 -14.67
C ASP A 138 0.61 2.69 -13.25
N ARG A 139 -0.70 2.94 -13.12
CA ARG A 139 -1.29 3.00 -11.79
C ARG A 139 -1.16 1.66 -11.08
N SER A 140 -1.30 0.55 -11.83
CA SER A 140 -1.15 -0.77 -11.25
C SER A 140 0.25 -0.97 -10.67
N LEU A 141 1.27 -0.52 -11.40
CA LEU A 141 2.63 -0.63 -10.90
C LEU A 141 2.79 0.17 -9.61
N ILE A 142 2.37 1.44 -9.62
CA ILE A 142 2.56 2.25 -8.42
C ILE A 142 1.75 1.70 -7.24
N ASN A 143 0.67 0.96 -7.50
CA ASN A 143 -0.13 0.44 -6.40
C ASN A 143 0.42 -0.87 -5.86
N GLN A 144 0.82 -1.78 -6.73
CA GLN A 144 1.39 -3.03 -6.27
C GLN A 144 2.82 -2.87 -5.78
N ASN A 145 3.43 -1.69 -5.97
CA ASN A 145 4.65 -1.38 -5.25
C ASN A 145 4.36 -1.13 -3.77
N THR A 146 3.29 -0.38 -3.47
CA THR A 146 2.96 -0.04 -2.09
C THR A 146 2.18 -1.14 -1.37
N GLN A 147 1.63 -2.11 -2.11
CA GLN A 147 0.95 -3.22 -1.45
C GLN A 147 1.90 -3.99 -0.53
N GLU A 148 3.15 -4.16 -0.95
CA GLU A 148 4.08 -4.90 -0.10
C GLU A 148 4.28 -4.21 1.25
N ILE A 149 4.54 -2.90 1.24
CA ILE A 149 4.76 -2.20 2.49
C ILE A 149 3.49 -2.19 3.34
N THR A 150 2.34 -1.90 2.72
CA THR A 150 1.12 -1.83 3.52
C THR A 150 0.79 -3.18 4.13
N ILE A 151 1.09 -4.28 3.42
CA ILE A 151 0.89 -5.61 3.99
C ILE A 151 1.87 -5.86 5.12
N LEU A 152 3.13 -5.43 4.94
CA LEU A 152 4.18 -5.72 5.92
C LEU A 152 4.06 -4.89 7.19
N SER A 153 3.10 -3.96 7.28
CA SER A 153 2.91 -3.20 8.50
C SER A 153 1.57 -3.50 9.18
N GLN A 154 0.93 -4.63 8.85
CA GLN A 154 -0.28 -5.04 9.54
C GLN A 154 0.01 -6.21 10.46
N PRO A 155 -0.44 -6.19 11.72
CA PRO A 155 -0.35 -7.40 12.54
C PRO A 155 -1.54 -8.33 12.36
N LEU A 156 -1.33 -9.54 11.83
CA LEU A 156 -2.36 -10.58 11.72
C LEU A 156 -1.74 -11.83 11.09
N LYS A 157 -2.39 -12.97 11.32
CA LYS A 157 -2.07 -14.22 10.65
C LYS A 157 -0.73 -14.83 11.03
N THR A 158 -0.67 -16.17 11.03
CA THR A 158 0.60 -16.90 10.96
C THR A 158 0.28 -18.23 10.27
N LEU A 159 0.44 -18.26 8.95
CA LEU A 159 0.13 -19.47 8.19
C LEU A 159 1.05 -19.51 6.97
N ASP A 160 2.17 -20.21 7.09
CA ASP A 160 3.06 -20.44 5.95
C ASP A 160 3.49 -19.12 5.31
N GLU A 161 3.16 -17.98 5.93
CA GLU A 161 3.33 -16.68 5.30
C GLU A 161 4.57 -15.94 5.76
N GLN A 162 5.19 -16.37 6.87
CA GLN A 162 6.41 -15.68 7.29
C GLN A 162 7.47 -15.85 6.21
N ASP A 163 7.49 -17.02 5.56
CA ASP A 163 8.32 -17.21 4.39
C ASP A 163 7.91 -16.21 3.30
N GLN A 164 6.60 -16.03 3.10
CA GLN A 164 6.15 -15.03 2.15
C GLN A 164 6.64 -13.64 2.56
N ARG A 165 6.66 -13.35 3.86
CA ARG A 165 7.17 -12.06 4.31
C ARG A 165 8.64 -11.88 3.92
N GLN A 166 9.47 -12.90 4.17
CA GLN A 166 10.87 -12.76 3.79
C GLN A 166 11.00 -12.60 2.28
N GLU A 167 10.21 -13.36 1.52
CA GLU A 167 10.21 -13.23 0.07
C GLU A 167 9.87 -11.80 -0.33
N ARG A 168 8.87 -11.19 0.31
CA ARG A 168 8.51 -9.81 0.01
C ARG A 168 9.66 -8.86 0.32
N TYR A 169 10.30 -9.03 1.48
CA TYR A 169 11.46 -8.19 1.78
C TYR A 169 12.52 -8.31 0.70
N GLU A 170 12.83 -9.56 0.31
CA GLU A 170 13.84 -9.78 -0.72
C GLU A 170 13.43 -9.11 -2.03
N LEU A 171 12.17 -9.26 -2.42
CA LEU A 171 11.70 -8.64 -3.65
C LEU A 171 11.82 -7.12 -3.57
N MET A 172 11.47 -6.54 -2.42
CA MET A 172 11.60 -5.10 -2.23
C MET A 172 13.04 -4.65 -2.46
N VAL A 173 13.98 -5.28 -1.77
CA VAL A 173 15.38 -4.90 -1.92
C VAL A 173 15.82 -5.11 -3.36
N GLU A 174 15.36 -6.19 -3.99
CA GLU A 174 15.72 -6.46 -5.37
C GLU A 174 15.21 -5.36 -6.29
N LYS A 175 14.00 -4.85 -6.05
CA LYS A 175 13.49 -3.73 -6.81
C LYS A 175 14.42 -2.53 -6.66
N LEU A 176 14.81 -2.22 -5.42
CA LEU A 176 15.74 -1.12 -5.20
C LEU A 176 17.01 -1.30 -6.04
N LEU A 177 17.59 -2.50 -5.98
CA LEU A 177 18.82 -2.76 -6.71
C LEU A 177 18.60 -2.62 -8.22
N ILE A 178 17.48 -3.10 -8.73
CA ILE A 178 17.21 -2.99 -10.16
C ILE A 178 17.11 -1.53 -10.57
N ASP A 179 16.43 -0.72 -9.76
CA ASP A 179 16.40 0.71 -10.03
C ASP A 179 17.82 1.29 -10.10
N TYR A 180 18.63 0.99 -9.08
CA TYR A 180 20.01 1.45 -9.08
C TYR A 180 20.72 1.05 -10.37
N PHE A 181 20.64 -0.22 -10.73
CA PHE A 181 21.32 -0.72 -11.93
C PHE A 181 20.83 -0.01 -13.19
N THR A 182 19.52 0.12 -13.36
CA THR A 182 18.99 0.75 -14.57
C THR A 182 19.49 2.17 -14.70
N GLU A 183 19.37 2.97 -13.63
CA GLU A 183 19.85 4.34 -13.68
C GLU A 183 21.36 4.39 -13.94
N SER A 184 22.11 3.51 -13.28
CA SER A 184 23.56 3.47 -13.46
C SER A 184 23.91 3.15 -14.91
N TYR A 185 23.20 2.20 -15.51
CA TYR A 185 23.48 1.85 -16.90
C TYR A 185 23.09 2.99 -17.83
N LYS A 186 22.06 3.77 -17.47
CA LYS A 186 21.77 4.97 -18.23
C LYS A 186 22.97 5.91 -18.22
N SER A 187 23.55 6.13 -17.04
CA SER A 187 24.76 6.95 -16.96
C SER A 187 25.91 6.31 -17.76
N PHE A 188 26.00 4.98 -17.74
CA PHE A 188 27.08 4.31 -18.46
C PHE A 188 26.96 4.52 -19.96
N LEU A 189 25.74 4.43 -20.51
CA LEU A 189 25.55 4.64 -21.94
C LEU A 189 25.74 6.10 -22.31
N LYS A 190 25.26 7.00 -21.47
CA LYS A 190 25.48 8.44 -21.59
C LYS A 190 26.81 8.73 -20.90
N LEU A 191 27.88 8.89 -21.68
CA LEU A 191 29.20 8.46 -21.27
C LEU A 191 29.73 9.13 -19.99
N GLU A 192 28.97 10.05 -19.42
CA GLU A 192 29.29 10.53 -18.09
C GLU A 192 29.00 9.45 -17.06
N ASP A 193 29.81 9.41 -16.00
CA ASP A 193 29.75 8.35 -14.99
C ASP A 193 29.58 9.01 -13.63
N ASN A 194 28.33 9.30 -13.27
CA ASN A 194 27.99 9.92 -12.00
C ASN A 194 27.01 9.00 -11.28
N TYR A 195 27.54 8.07 -10.49
CA TYR A 195 26.70 7.09 -9.80
C TYR A 195 26.30 7.55 -8.40
N GLU A 196 26.80 8.68 -7.92
CA GLU A 196 26.42 9.15 -6.59
C GLU A 196 24.93 9.36 -6.45
N PRO A 197 24.22 9.96 -7.42
CA PRO A 197 22.76 10.12 -7.26
C PRO A 197 22.04 8.78 -7.13
N SER A 198 22.32 7.84 -8.03
CA SER A 198 21.73 6.51 -7.90
C SER A 198 22.06 5.89 -6.55
N MET A 199 23.30 6.09 -6.09
CA MET A 199 23.71 5.51 -4.82
C MET A 199 22.91 6.09 -3.66
N GLN A 200 22.70 7.41 -3.65
CA GLN A 200 21.99 8.00 -2.52
C GLN A 200 20.50 7.66 -2.56
N GLU A 201 19.92 7.54 -3.75
CA GLU A 201 18.53 7.07 -3.81
C GLU A 201 18.43 5.63 -3.27
N LEU A 202 19.36 4.78 -3.65
CA LEU A 202 19.40 3.42 -3.11
C LEU A 202 19.56 3.44 -1.60
N LYS A 203 20.41 4.33 -1.09
CA LYS A 203 20.63 4.41 0.35
C LYS A 203 19.35 4.81 1.08
N LEU A 204 18.61 5.78 0.55
CA LEU A 204 17.34 6.16 1.18
C LEU A 204 16.36 4.99 1.18
N GLY A 205 16.23 4.31 0.03
CA GLY A 205 15.33 3.17 -0.02
C GLY A 205 15.68 2.09 0.98
N PHE A 206 16.96 1.74 1.04
CA PHE A 206 17.39 0.70 1.97
C PHE A 206 17.26 1.15 3.41
N GLU A 207 17.42 2.45 3.69
CA GLU A 207 17.18 2.94 5.04
C GLU A 207 15.74 2.74 5.46
N LYS A 208 14.80 3.02 4.55
CA LYS A 208 13.39 2.78 4.89
C LYS A 208 13.14 1.29 5.10
N PHE A 209 13.70 0.45 4.22
CA PHE A 209 13.64 -1.00 4.41
C PHE A 209 14.14 -1.40 5.80
N VAL A 210 15.29 -0.87 6.18
CA VAL A 210 15.90 -1.22 7.46
C VAL A 210 15.01 -0.80 8.60
N HIS A 211 14.42 0.41 8.50
CA HIS A 211 13.54 0.86 9.57
C HIS A 211 12.35 -0.09 9.74
N ILE A 212 11.73 -0.45 8.62
CA ILE A 212 10.55 -1.33 8.70
C ILE A 212 10.92 -2.67 9.32
N ILE A 213 11.99 -3.28 8.79
CA ILE A 213 12.32 -4.63 9.23
C ILE A 213 12.79 -4.63 10.68
N ASN A 214 13.50 -3.58 11.11
CA ASN A 214 13.91 -3.51 12.51
C ASN A 214 12.71 -3.27 13.43
N THR A 215 11.72 -2.50 12.99
CA THR A 215 10.50 -2.40 13.77
C THR A 215 9.88 -3.77 13.95
N ASP A 216 9.82 -4.54 12.87
CA ASP A 216 9.29 -5.90 12.95
C ASP A 216 10.10 -6.77 13.90
N VAL A 217 11.43 -6.66 13.84
CA VAL A 217 12.30 -7.46 14.69
C VAL A 217 12.08 -7.12 16.16
N THR A 218 11.98 -5.82 16.48
CA THR A 218 11.72 -5.43 17.85
C THR A 218 10.37 -5.97 18.34
N SER A 219 9.35 -5.91 17.48
CA SER A 219 8.06 -6.50 17.84
C SER A 219 8.23 -7.98 18.20
N THR A 220 8.96 -8.71 17.36
CA THR A 220 9.14 -10.14 17.59
C THR A 220 9.90 -10.40 18.89
N GLU A 221 10.94 -9.62 19.17
CA GLU A 221 11.70 -9.82 20.40
C GLU A 221 10.83 -9.58 21.63
N LEU A 222 10.04 -8.51 21.62
CA LEU A 222 9.14 -8.26 22.73
C LEU A 222 8.14 -9.40 22.89
N LYS A 223 7.62 -9.90 21.76
CA LYS A 223 6.66 -10.99 21.82
C LYS A 223 7.27 -12.26 22.41
N LEU A 224 8.51 -12.58 22.03
CA LEU A 224 9.16 -13.75 22.62
C LEU A 224 9.37 -13.57 24.11
N GLU A 225 9.80 -12.40 24.55
CA GLU A 225 10.00 -12.19 25.98
C GLU A 225 8.68 -12.37 26.74
N GLU A 226 7.60 -11.82 26.19
CA GLU A 226 6.30 -11.97 26.84
C GLU A 226 5.88 -13.43 26.86
N LEU A 227 6.16 -14.17 25.79
CA LEU A 227 5.86 -15.60 25.77
C LEU A 227 6.62 -16.33 26.85
N LYS A 228 7.90 -16.01 27.03
CA LYS A 228 8.67 -16.65 28.08
C LYS A 228 8.05 -16.39 29.45
N VAL A 229 7.64 -15.15 29.70
CA VAL A 229 7.01 -14.84 30.98
C VAL A 229 5.74 -15.67 31.16
N ASP A 230 4.90 -15.71 30.13
CA ASP A 230 3.63 -16.43 30.23
C ASP A 230 3.85 -17.93 30.42
N LEU A 231 4.82 -18.50 29.69
CA LEU A 231 5.07 -19.93 29.82
C LEU A 231 5.58 -20.27 31.22
N ASN A 232 6.42 -19.41 31.80
CA ASN A 232 6.83 -19.66 33.18
C ASN A 232 5.64 -19.63 34.11
N ARG A 233 4.76 -18.63 33.94
CA ARG A 233 3.59 -18.55 34.81
C ARG A 233 2.71 -19.79 34.67
N LYS A 234 2.55 -20.31 33.45
CA LYS A 234 1.68 -21.46 33.24
C LYS A 234 2.31 -22.75 33.75
N ARG A 235 3.62 -22.92 33.53
CA ARG A 235 4.29 -24.11 34.05
C ARG A 235 4.31 -24.13 35.57
N TYR A 236 4.30 -22.96 36.22
CA TYR A 236 4.14 -22.95 37.66
C TYR A 236 2.85 -23.66 38.08
N LYS A 237 1.73 -23.30 37.45
CA LYS A 237 0.45 -23.91 37.78
C LYS A 237 0.44 -25.39 37.38
N LEU A 238 1.09 -25.72 36.27
CA LEU A 238 1.20 -27.12 35.87
C LEU A 238 1.90 -27.95 36.95
N HIS A 239 3.01 -27.42 37.48
CA HIS A 239 3.73 -28.11 38.54
C HIS A 239 2.86 -28.26 39.78
N GLN A 240 2.13 -27.21 40.16
CA GLN A 240 1.25 -27.33 41.31
C GLN A 240 0.24 -28.46 41.11
N GLN A 241 -0.38 -28.51 39.92
CA GLN A 241 -1.39 -29.53 39.67
C GLN A 241 -0.78 -30.93 39.69
N VAL A 242 0.41 -31.10 39.10
CA VAL A 242 1.04 -32.42 39.11
C VAL A 242 1.35 -32.87 40.53
N ILE A 243 1.88 -31.95 41.35
CA ILE A 243 2.17 -32.30 42.74
C ILE A 243 0.88 -32.69 43.46
N HIS A 244 -0.19 -31.94 43.25
CA HIS A 244 -1.47 -32.28 43.89
C HIS A 244 -1.93 -33.67 43.47
N VAL A 245 -1.84 -33.98 42.18
CA VAL A 245 -2.30 -35.28 41.70
C VAL A 245 -1.47 -36.40 42.30
N ILE A 246 -0.15 -36.23 42.37
CA ILE A 246 0.70 -37.26 42.96
C ILE A 246 0.36 -37.46 44.42
N ASP A 247 0.16 -36.36 45.16
CA ASP A 247 -0.23 -36.47 46.56
C ASP A 247 -1.51 -37.28 46.72
N ILE A 248 -2.54 -36.93 45.96
CA ILE A 248 -3.82 -37.62 46.10
C ILE A 248 -3.68 -39.08 45.70
N THR A 249 -2.87 -39.36 44.67
CA THR A 249 -2.66 -40.73 44.23
C THR A 249 -2.01 -41.56 45.33
N SER A 250 -0.98 -41.02 45.98
CA SER A 250 -0.32 -41.75 47.06
C SER A 250 -1.28 -41.99 48.22
N LYS A 251 -2.06 -40.98 48.58
CA LYS A 251 -3.01 -41.16 49.68
C LYS A 251 -4.03 -42.26 49.33
N PHE A 252 -4.53 -42.24 48.10
CA PHE A 252 -5.46 -43.27 47.65
C PHE A 252 -4.82 -44.65 47.70
N LYS A 253 -3.57 -44.76 47.25
CA LYS A 253 -2.90 -46.05 47.25
C LYS A 253 -2.74 -46.59 48.66
N ILE A 254 -2.33 -45.73 49.60
CA ILE A 254 -2.15 -46.22 50.98
C ILE A 254 -3.50 -46.62 51.58
N ASN A 255 -4.54 -45.83 51.35
CA ASN A 255 -5.85 -46.18 51.91
C ASN A 255 -6.36 -47.50 51.34
N ILE A 256 -6.25 -47.70 50.03
CA ILE A 256 -6.70 -48.95 49.43
C ILE A 256 -5.90 -50.12 49.96
N GLN A 257 -4.57 -49.95 50.09
CA GLN A 257 -3.75 -51.03 50.63
C GLN A 257 -4.16 -51.39 52.05
N SER A 258 -4.41 -50.38 52.90
CA SER A 258 -4.81 -50.66 54.27
C SER A 258 -6.15 -51.38 54.31
N SER A 259 -7.12 -50.95 53.49
CA SER A 259 -8.42 -51.60 53.48
C SER A 259 -8.28 -53.07 53.05
N LEU A 260 -7.48 -53.31 52.01
CA LEU A 260 -7.27 -54.69 51.58
C LEU A 260 -6.62 -55.52 52.67
N GLU A 261 -5.63 -54.95 53.36
CA GLU A 261 -4.96 -55.69 54.42
C GLU A 261 -5.94 -56.08 55.53
N ASN A 262 -6.76 -55.12 55.97
CA ASN A 262 -7.74 -55.41 57.02
C ASN A 262 -8.72 -56.50 56.57
N SER A 263 -9.24 -56.37 55.35
CA SER A 263 -10.17 -57.38 54.86
C SER A 263 -9.52 -58.75 54.79
N GLU A 264 -8.28 -58.80 54.30
CA GLU A 264 -7.57 -60.08 54.19
C GLU A 264 -7.40 -60.71 55.57
N ASN A 265 -6.98 -59.92 56.55
CA ASN A 265 -6.75 -60.47 57.88
C ASN A 265 -8.05 -60.97 58.51
N GLU A 266 -9.14 -60.20 58.39
CA GLU A 266 -10.40 -60.62 58.98
C GLU A 266 -10.94 -61.87 58.31
N LEU A 267 -10.86 -61.94 56.97
CA LEU A 267 -11.31 -63.15 56.29
C LEU A 267 -10.45 -64.34 56.67
N GLY A 268 -9.15 -64.14 56.85
CA GLY A 268 -8.31 -65.22 57.34
C GLY A 268 -8.76 -65.72 58.69
N ASN A 269 -9.05 -64.80 59.62
CA ASN A 269 -9.51 -65.19 60.94
C ASN A 269 -10.81 -65.99 60.84
N VAL A 270 -11.76 -65.51 60.05
CA VAL A 270 -13.04 -66.19 59.92
C VAL A 270 -12.85 -67.57 59.32
N ILE A 271 -11.99 -67.68 58.30
CA ILE A 271 -11.75 -68.98 57.67
C ILE A 271 -11.12 -69.95 58.66
N GLU A 272 -10.15 -69.47 59.45
CA GLU A 272 -9.52 -70.34 60.43
C GLU A 272 -10.53 -70.82 61.48
N GLU A 273 -11.39 -69.91 61.95
CA GLU A 273 -12.40 -70.31 62.92
C GLU A 273 -13.35 -71.33 62.31
N LEU A 274 -13.71 -71.14 61.04
CA LEU A 274 -14.58 -72.10 60.36
C LEU A 274 -13.90 -73.45 60.21
N ARG A 275 -12.59 -73.46 59.94
CA ARG A 275 -11.85 -74.72 59.90
C ARG A 275 -11.92 -75.43 61.24
N ASN A 276 -11.67 -74.69 62.33
CA ASN A 276 -11.76 -75.27 63.66
C ASN A 276 -13.15 -75.86 63.89
N LEU A 277 -14.20 -75.15 63.46
CA LEU A 277 -15.56 -75.63 63.66
C LEU A 277 -15.84 -76.89 62.85
N GLU A 278 -15.36 -76.94 61.60
CA GLU A 278 -15.67 -78.08 60.75
C GLU A 278 -14.92 -79.33 61.18
N PHE A 279 -13.71 -79.17 61.74
CA PHE A 279 -12.97 -80.35 62.18
C PHE A 279 -13.82 -81.22 63.11
N GLU A 280 -14.62 -80.60 63.96
CA GLU A 280 -15.45 -81.33 64.91
C GLU A 280 -16.48 -82.19 64.18
N ARG B 4 9.30 -15.49 -8.17
CA ARG B 4 10.17 -16.44 -8.84
C ARG B 4 11.44 -16.74 -8.04
N ARG B 5 11.79 -18.02 -7.97
CA ARG B 5 12.90 -18.47 -7.14
C ARG B 5 14.25 -17.99 -7.67
N LYS B 6 14.31 -17.60 -8.94
CA LYS B 6 15.56 -17.20 -9.57
C LYS B 6 15.59 -15.69 -9.75
N SER B 7 16.76 -15.20 -10.15
CA SER B 7 16.98 -13.80 -10.45
C SER B 7 18.36 -13.72 -11.07
N ILE B 8 18.74 -12.51 -11.49
CA ILE B 8 20.11 -12.30 -11.94
C ILE B 8 21.02 -11.95 -10.76
N LEU B 9 20.48 -11.33 -9.70
CA LEU B 9 21.31 -10.92 -8.58
C LEU B 9 21.75 -12.12 -7.75
N HIS B 10 20.79 -12.90 -7.26
CA HIS B 10 21.13 -14.04 -6.41
C HIS B 10 21.89 -15.12 -7.18
N THR B 11 21.59 -15.28 -8.47
CA THR B 11 22.35 -16.22 -9.28
C THR B 11 23.80 -15.79 -9.42
N ILE B 12 24.03 -14.49 -9.62
CA ILE B 12 25.40 -13.99 -9.68
C ILE B 12 26.11 -14.23 -8.35
N ARG B 13 25.43 -14.00 -7.22
CA ARG B 13 26.07 -14.27 -5.94
C ARG B 13 26.44 -15.74 -5.79
N ASN B 14 25.50 -16.64 -6.13
CA ASN B 14 25.79 -18.07 -6.08
C ASN B 14 26.98 -18.41 -6.97
N SER B 15 27.09 -17.75 -8.12
CA SER B 15 28.23 -17.99 -9.01
C SER B 15 29.53 -17.48 -8.39
N ILE B 16 29.48 -16.34 -7.72
CA ILE B 16 30.65 -15.86 -6.99
C ILE B 16 31.12 -16.94 -6.02
N ALA B 17 30.17 -17.53 -5.29
CA ALA B 17 30.52 -18.60 -4.36
C ALA B 17 31.13 -19.81 -5.06
N SER B 18 30.88 -19.97 -6.35
CA SER B 18 31.40 -21.10 -7.11
C SER B 18 32.71 -20.72 -7.80
N GLY B 19 33.30 -21.69 -8.50
CA GLY B 19 34.56 -21.49 -9.20
C GLY B 19 34.44 -20.80 -10.53
N ALA B 20 33.24 -20.47 -10.98
CA ALA B 20 33.08 -19.77 -12.25
C ALA B 20 33.69 -18.37 -12.20
N ARG B 21 33.65 -17.74 -11.02
CA ARG B 21 34.25 -16.44 -10.72
C ARG B 21 33.18 -15.35 -10.79
N ILE B 22 32.90 -14.84 -12.00
CA ILE B 22 31.95 -13.75 -12.17
C ILE B 22 30.88 -14.15 -13.18
N SER B 23 30.62 -15.46 -13.27
CA SER B 23 29.63 -16.00 -14.19
C SER B 23 30.02 -15.76 -15.65
N LEU B 24 31.27 -16.08 -15.97
CA LEU B 24 31.74 -16.07 -17.35
C LEU B 24 31.66 -14.69 -17.99
N GLY B 25 32.26 -14.53 -19.17
CA GLY B 25 32.17 -13.31 -19.92
C GLY B 25 33.32 -12.35 -19.66
N SER B 26 33.36 -11.30 -20.49
CA SER B 26 34.34 -10.23 -20.37
C SER B 26 33.61 -8.95 -19.99
N GLY B 27 34.03 -8.32 -18.89
CA GLY B 27 33.26 -7.26 -18.28
C GLY B 27 32.94 -6.07 -19.17
N ALA B 28 31.65 -5.74 -19.25
CA ALA B 28 31.17 -4.50 -19.85
C ALA B 28 31.61 -4.33 -21.30
N ALA B 29 31.05 -3.30 -21.95
CA ALA B 29 31.51 -2.86 -23.26
C ALA B 29 30.83 -1.53 -23.56
N ARG B 30 31.60 -0.58 -24.09
CA ARG B 30 31.06 0.75 -24.36
C ARG B 30 31.77 1.29 -25.61
N VAL B 31 31.12 1.14 -26.77
CA VAL B 31 31.68 1.54 -28.05
C VAL B 31 31.35 3.00 -28.29
N VAL B 32 32.39 3.82 -28.45
CA VAL B 32 32.20 5.19 -28.91
C VAL B 32 32.04 5.19 -30.43
N ASN B 33 31.45 6.25 -30.96
CA ASN B 33 31.16 6.29 -32.39
C ASN B 33 31.13 7.74 -32.87
N GLY B 34 32.04 8.05 -33.81
CA GLY B 34 31.96 9.27 -34.59
C GLY B 34 31.79 9.02 -36.08
N PRO B 35 30.99 8.01 -36.48
CA PRO B 35 30.73 7.78 -37.89
C PRO B 35 29.64 8.71 -38.43
N VAL B 36 29.37 9.81 -37.72
CA VAL B 36 28.03 10.39 -37.56
C VAL B 36 27.25 10.40 -38.86
N SER B 37 27.95 10.44 -40.00
CA SER B 37 27.30 10.04 -41.25
C SER B 37 26.48 8.77 -41.05
N ARG B 38 26.94 7.89 -40.15
CA ARG B 38 26.16 6.79 -39.61
C ARG B 38 26.06 6.95 -38.10
N ASN B 39 25.22 6.15 -37.46
CA ASN B 39 25.17 6.13 -36.01
C ASN B 39 24.54 4.84 -35.53
N GLN B 40 25.32 4.02 -34.82
CA GLN B 40 24.81 2.90 -34.05
C GLN B 40 25.15 3.15 -32.59
N ASP B 41 24.18 2.89 -31.72
CA ASP B 41 24.29 3.32 -30.33
C ASP B 41 25.37 2.51 -29.61
N VAL B 42 25.55 2.84 -28.33
CA VAL B 42 26.76 2.47 -27.58
C VAL B 42 26.53 1.10 -26.96
N PHE B 43 26.82 0.05 -27.71
CA PHE B 43 26.91 -1.31 -27.18
C PHE B 43 27.41 -2.22 -28.29
N PRO B 44 28.02 -3.34 -27.94
CA PRO B 44 28.53 -4.26 -28.97
C PRO B 44 27.40 -4.90 -29.76
N ILE B 45 27.79 -5.52 -30.87
CA ILE B 45 26.90 -6.39 -31.64
C ILE B 45 27.52 -7.78 -31.60
N LEU B 46 28.20 -8.08 -30.48
CA LEU B 46 28.88 -9.35 -30.32
C LEU B 46 28.03 -10.50 -30.85
N ASP B 47 28.70 -11.40 -31.56
CA ASP B 47 28.04 -12.36 -32.45
C ASP B 47 27.67 -13.62 -31.67
N LEU B 48 27.24 -14.66 -32.40
CA LEU B 48 26.77 -15.89 -31.81
C LEU B 48 27.87 -16.56 -31.01
N GLN B 49 27.49 -17.61 -30.28
CA GLN B 49 28.38 -18.35 -29.38
C GLN B 49 28.67 -17.48 -28.15
N GLU B 50 29.45 -16.42 -28.33
CA GLU B 50 29.59 -15.44 -27.25
C GLU B 50 28.22 -15.01 -26.75
N LEU B 51 27.33 -14.65 -27.68
CA LEU B 51 25.99 -14.22 -27.30
C LEU B 51 25.20 -15.36 -26.67
N VAL B 52 25.20 -16.53 -27.31
CA VAL B 52 24.45 -17.66 -26.79
C VAL B 52 25.03 -18.12 -25.44
N ILE B 53 26.36 -18.16 -25.34
CA ILE B 53 26.99 -18.56 -24.09
C ILE B 53 26.60 -17.62 -22.97
N CYS B 54 26.64 -16.31 -23.23
CA CYS B 54 26.25 -15.35 -22.20
C CYS B 54 24.78 -15.51 -21.82
N LEU B 55 23.91 -15.69 -22.82
CA LEU B 55 22.48 -15.87 -22.52
C LEU B 55 22.25 -17.07 -21.61
N GLN B 56 22.86 -18.21 -21.94
CA GLN B 56 22.70 -19.39 -21.11
C GLN B 56 23.39 -19.23 -19.76
N SER B 57 24.42 -18.38 -19.67
CA SER B 57 25.07 -18.14 -18.39
C SER B 57 24.13 -17.44 -17.41
N CYS B 58 23.21 -16.62 -17.92
CA CYS B 58 22.22 -15.94 -17.11
C CYS B 58 21.03 -16.82 -16.76
N ASP B 59 21.16 -18.14 -16.94
CA ASP B 59 20.09 -19.08 -16.62
C ASP B 59 18.87 -18.86 -17.52
N PHE B 60 19.12 -18.79 -18.82
CA PHE B 60 18.08 -18.64 -19.83
C PHE B 60 18.16 -19.86 -20.73
N ALA B 61 17.46 -20.93 -20.33
CA ALA B 61 17.59 -22.20 -21.03
C ALA B 61 17.11 -22.10 -22.48
N LEU B 62 16.22 -21.16 -22.77
CA LEU B 62 15.67 -21.05 -24.12
C LEU B 62 16.67 -20.54 -25.13
N ALA B 63 17.84 -20.07 -24.69
CA ALA B 63 18.84 -19.54 -25.62
C ALA B 63 19.51 -20.68 -26.36
N THR B 64 19.43 -20.63 -27.69
CA THR B 64 20.06 -21.63 -28.56
C THR B 64 20.42 -20.95 -29.87
N GLN B 65 21.58 -21.31 -30.43
CA GLN B 65 22.06 -20.65 -31.63
C GLN B 65 21.05 -20.75 -32.76
N GLU B 66 20.36 -21.89 -32.87
CA GLU B 66 19.41 -22.09 -33.97
C GLU B 66 18.29 -21.07 -33.95
N ASN B 67 18.03 -20.44 -32.80
CA ASN B 67 16.93 -19.48 -32.72
C ASN B 67 17.36 -18.09 -33.18
N ILE B 68 18.58 -17.67 -32.80
CA ILE B 68 19.01 -16.30 -33.10
C ILE B 68 19.21 -16.12 -34.60
N SER B 69 19.91 -17.06 -35.25
CA SER B 69 20.17 -16.95 -36.67
C SER B 69 18.97 -17.31 -37.53
N ARG B 70 17.95 -17.95 -36.96
CA ARG B 70 16.74 -18.34 -37.69
C ARG B 70 15.53 -18.16 -36.78
N PRO B 71 15.23 -16.93 -36.38
CA PRO B 71 14.15 -16.70 -35.41
C PRO B 71 12.78 -16.81 -36.05
N THR B 72 11.80 -17.05 -35.18
CA THR B 72 10.40 -17.08 -35.60
C THR B 72 9.54 -16.63 -34.41
N SER B 73 8.30 -16.27 -34.72
CA SER B 73 7.39 -15.80 -33.69
C SER B 73 7.13 -16.90 -32.66
N ASP B 74 6.68 -16.48 -31.48
CA ASP B 74 6.35 -17.31 -30.33
C ASP B 74 7.60 -17.84 -29.64
N TYR B 75 8.78 -17.60 -30.18
CA TYR B 75 10.04 -17.98 -29.55
C TYR B 75 10.71 -16.80 -28.88
N MET B 76 10.93 -15.72 -29.63
CA MET B 76 11.47 -14.50 -29.04
C MET B 76 10.54 -13.95 -27.97
N VAL B 77 9.24 -14.25 -28.08
CA VAL B 77 8.28 -13.72 -27.11
C VAL B 77 8.56 -14.30 -25.73
N THR B 78 8.69 -15.62 -25.63
CA THR B 78 8.98 -16.25 -24.35
C THR B 78 10.30 -15.76 -23.78
N LEU B 79 11.33 -15.69 -24.63
CA LEU B 79 12.64 -15.24 -24.17
C LEU B 79 12.58 -13.82 -23.64
N TYR B 80 11.89 -12.93 -24.36
CA TYR B 80 11.80 -11.54 -23.92
C TYR B 80 11.03 -11.42 -22.61
N LYS B 81 9.91 -12.15 -22.48
CA LYS B 81 9.17 -12.15 -21.22
C LYS B 81 10.06 -12.61 -20.08
N GLN B 82 10.78 -13.71 -20.30
CA GLN B 82 11.68 -14.26 -19.29
C GLN B 82 12.76 -13.26 -18.89
N ILE B 83 13.40 -12.65 -19.88
CA ILE B 83 14.46 -11.69 -19.59
C ILE B 83 13.91 -10.51 -18.79
N ILE B 84 12.78 -9.98 -19.22
CA ILE B 84 12.22 -8.82 -18.55
C ILE B 84 11.85 -9.16 -17.11
N GLU B 85 11.24 -10.32 -16.91
CA GLU B 85 10.82 -10.69 -15.56
C GLU B 85 12.01 -11.03 -14.68
N ASN B 86 13.15 -11.40 -15.26
CA ASN B 86 14.33 -11.67 -14.45
C ASN B 86 15.07 -10.38 -14.09
N PHE B 87 15.46 -9.60 -15.09
CA PHE B 87 16.22 -8.38 -14.82
C PHE B 87 15.35 -7.34 -14.13
N MET B 88 14.14 -7.12 -14.65
CA MET B 88 13.28 -6.05 -14.14
C MET B 88 12.33 -6.52 -13.04
N GLY B 89 12.30 -7.82 -12.75
CA GLY B 89 11.56 -8.32 -11.60
C GLY B 89 10.08 -8.00 -11.61
N ILE B 90 9.41 -8.27 -12.73
CA ILE B 90 7.99 -8.02 -12.88
C ILE B 90 7.33 -9.30 -13.41
N SER B 91 6.01 -9.26 -13.53
CA SER B 91 5.22 -10.34 -14.12
C SER B 91 4.44 -9.77 -15.30
N VAL B 92 4.84 -10.15 -16.51
CA VAL B 92 4.18 -9.64 -17.71
C VAL B 92 2.69 -10.01 -17.69
N GLU B 93 2.38 -11.24 -17.30
CA GLU B 93 0.99 -11.68 -17.29
C GLU B 93 0.17 -10.82 -16.35
N SER B 94 0.69 -10.51 -15.17
CA SER B 94 -0.04 -9.67 -14.22
C SER B 94 -0.31 -8.29 -14.83
N LEU B 95 0.67 -7.75 -15.55
CA LEU B 95 0.49 -6.43 -16.15
C LEU B 95 -0.59 -6.45 -17.22
N LEU B 96 -0.57 -7.46 -18.10
CA LEU B 96 -1.62 -7.55 -19.11
C LEU B 96 -3.00 -7.71 -18.46
N ASN B 97 -3.08 -8.54 -17.42
CA ASN B 97 -4.35 -8.71 -16.71
C ASN B 97 -4.81 -7.38 -16.12
N SER B 98 -3.88 -6.62 -15.53
CA SER B 98 -4.24 -5.32 -14.99
C SER B 98 -4.76 -4.39 -16.08
N SER B 99 -4.12 -4.41 -17.25
CA SER B 99 -4.59 -3.56 -18.34
C SER B 99 -5.99 -3.96 -18.78
N ASN B 100 -6.28 -5.26 -18.83
CA ASN B 100 -7.54 -5.72 -19.42
C ASN B 100 -8.76 -5.45 -18.54
N GLN B 101 -8.60 -5.28 -17.23
CA GLN B 101 -9.75 -5.35 -16.35
C GLN B 101 -10.67 -4.13 -16.56
N GLU B 102 -11.76 -4.10 -15.80
CA GLU B 102 -12.94 -3.31 -16.16
C GLU B 102 -13.49 -2.46 -15.02
N THR B 103 -14.68 -1.89 -15.24
CA THR B 103 -15.32 -0.89 -14.38
C THR B 103 -14.66 0.47 -14.54
N GLY B 104 -14.00 0.68 -15.67
CA GLY B 104 -13.59 2.00 -16.12
C GLY B 104 -14.55 2.45 -17.20
N ASP B 105 -14.11 2.32 -18.46
CA ASP B 105 -14.95 2.66 -19.59
C ASP B 105 -16.27 1.89 -19.57
N GLY B 106 -17.24 2.42 -20.32
CA GLY B 106 -18.48 1.74 -20.64
C GLY B 106 -19.08 2.50 -21.80
N HIS B 107 -19.50 1.80 -22.86
CA HIS B 107 -19.65 2.50 -24.13
C HIS B 107 -20.51 1.65 -25.06
N LEU B 108 -21.32 2.34 -25.89
CA LEU B 108 -22.33 1.65 -26.69
C LEU B 108 -21.70 0.65 -27.66
N GLN B 109 -20.88 1.14 -28.59
CA GLN B 109 -20.29 0.28 -29.61
C GLN B 109 -19.15 -0.59 -29.07
N GLU B 110 -18.94 -0.60 -27.76
CA GLU B 110 -17.88 -1.40 -27.14
C GLU B 110 -18.45 -2.62 -26.43
N GLU B 111 -19.55 -3.17 -26.93
CA GLU B 111 -20.11 -4.40 -26.38
C GLU B 111 -19.39 -5.63 -26.91
N ASN B 112 -18.44 -5.44 -27.83
CA ASN B 112 -17.66 -6.52 -28.43
C ASN B 112 -16.19 -6.15 -28.42
N GLU B 113 -15.72 -5.65 -27.27
CA GLU B 113 -14.32 -5.27 -27.13
C GLU B 113 -13.35 -6.39 -27.46
N ASN B 114 -13.84 -7.63 -27.58
CA ASN B 114 -12.95 -8.74 -27.93
C ASN B 114 -12.16 -8.45 -29.19
N ILE B 115 -12.83 -7.90 -30.22
CA ILE B 115 -12.14 -7.62 -31.48
C ILE B 115 -10.95 -6.70 -31.26
N TYR B 116 -10.95 -5.91 -30.19
CA TYR B 116 -9.81 -5.10 -29.81
C TYR B 116 -8.91 -5.83 -28.82
N LEU B 117 -9.51 -6.56 -27.88
CA LEU B 117 -8.77 -7.07 -26.73
C LEU B 117 -7.45 -7.69 -27.14
N ASP B 118 -7.51 -8.73 -27.96
CA ASP B 118 -6.29 -9.41 -28.40
C ASP B 118 -5.23 -8.39 -28.81
N THR B 119 -5.57 -7.56 -29.80
CA THR B 119 -4.62 -6.59 -30.31
C THR B 119 -3.98 -5.79 -29.18
N LEU B 120 -4.81 -5.26 -28.27
CA LEU B 120 -4.26 -4.42 -27.22
C LEU B 120 -3.23 -5.17 -26.40
N ASN B 121 -3.55 -6.41 -26.02
CA ASN B 121 -2.57 -7.19 -25.27
C ASN B 121 -1.24 -7.19 -26.01
N VAL B 122 -1.28 -7.53 -27.30
CA VAL B 122 -0.07 -7.50 -28.11
C VAL B 122 0.63 -6.16 -27.93
N LEU B 123 -0.07 -5.07 -28.23
CA LEU B 123 0.54 -3.75 -28.15
C LEU B 123 1.21 -3.56 -26.79
N VAL B 124 0.47 -3.87 -25.71
CA VAL B 124 1.02 -3.63 -24.38
C VAL B 124 2.34 -4.38 -24.24
N LEU B 125 2.33 -5.68 -24.56
CA LEU B 125 3.57 -6.45 -24.55
C LEU B 125 4.66 -5.68 -25.28
N ASN B 126 4.41 -5.37 -26.55
CA ASN B 126 5.40 -4.65 -27.34
C ASN B 126 5.88 -3.42 -26.59
N LYS B 127 4.93 -2.60 -26.14
CA LYS B 127 5.34 -1.33 -25.53
C LYS B 127 6.21 -1.58 -24.31
N ILE B 128 5.85 -2.59 -23.50
CA ILE B 128 6.69 -2.94 -22.36
C ILE B 128 8.13 -3.12 -22.84
N CYS B 129 8.33 -4.02 -23.79
CA CYS B 129 9.66 -4.26 -24.33
C CYS B 129 10.32 -2.95 -24.74
N PHE B 130 9.58 -2.12 -25.47
CA PHE B 130 10.10 -0.83 -25.90
C PHE B 130 10.81 -0.15 -24.74
N LYS B 131 10.08 0.09 -23.65
CA LYS B 131 10.67 0.82 -22.54
C LYS B 131 11.91 0.09 -22.02
N PHE B 132 11.81 -1.23 -21.85
CA PHE B 132 12.97 -1.99 -21.42
C PHE B 132 14.16 -1.71 -22.34
N PHE B 133 13.94 -1.89 -23.65
CA PHE B 133 15.01 -1.64 -24.60
C PHE B 133 15.31 -0.17 -24.74
N GLU B 134 14.36 0.71 -24.42
CA GLU B 134 14.68 2.13 -24.36
C GLU B 134 15.67 2.45 -23.25
N ASN B 135 15.77 1.57 -22.25
CA ASN B 135 16.71 1.79 -21.15
C ASN B 135 18.07 1.16 -21.40
N ILE B 136 18.27 0.52 -22.56
CA ILE B 136 19.51 -0.19 -22.83
C ILE B 136 20.10 0.35 -24.13
N GLY B 137 19.82 1.61 -24.44
CA GLY B 137 20.49 2.31 -25.51
C GLY B 137 19.88 2.18 -26.88
N VAL B 138 18.84 1.37 -27.05
CA VAL B 138 18.19 1.14 -28.33
C VAL B 138 16.78 1.72 -28.28
N GLN B 139 16.43 2.50 -29.30
CA GLN B 139 15.13 3.16 -29.39
C GLN B 139 14.24 2.52 -30.44
N ASP B 140 14.48 1.25 -30.76
CA ASP B 140 14.14 0.68 -32.05
C ASP B 140 13.52 -0.70 -31.91
N PHE B 141 12.58 -0.87 -30.97
CA PHE B 141 12.06 -2.22 -30.77
C PHE B 141 10.97 -2.58 -31.79
N ASN B 142 9.88 -1.81 -31.81
CA ASN B 142 8.77 -1.97 -32.75
C ASN B 142 8.17 -3.37 -32.72
N MET B 143 7.17 -3.61 -33.57
CA MET B 143 6.52 -4.91 -33.63
C MET B 143 7.40 -5.97 -34.28
N THR B 144 8.17 -5.58 -35.31
CA THR B 144 8.85 -6.57 -36.13
C THR B 144 9.68 -7.53 -35.30
N ASP B 145 10.28 -7.05 -34.21
CA ASP B 145 11.14 -7.90 -33.40
C ASP B 145 10.36 -9.07 -32.79
N LEU B 146 9.08 -8.89 -32.53
CA LEU B 146 8.29 -9.93 -31.88
C LEU B 146 7.66 -10.90 -32.88
N TYR B 147 7.14 -10.39 -34.00
CA TYR B 147 6.25 -11.15 -34.85
C TYR B 147 6.78 -11.40 -36.25
N LYS B 148 7.78 -10.66 -36.71
CA LYS B 148 8.45 -10.92 -37.98
C LYS B 148 9.95 -10.83 -37.75
N PRO B 149 10.51 -11.65 -36.86
CA PRO B 149 11.89 -11.43 -36.41
C PRO B 149 12.89 -11.61 -37.53
N GLU B 150 14.00 -10.89 -37.42
CA GLU B 150 15.15 -11.06 -38.31
C GLU B 150 16.41 -11.15 -37.46
N ALA B 151 17.40 -11.90 -37.96
CA ALA B 151 18.55 -12.24 -37.13
C ALA B 151 19.32 -11.00 -36.70
N GLN B 152 19.41 -10.00 -37.58
CA GLN B 152 20.20 -8.81 -37.27
C GLN B 152 19.67 -8.10 -36.03
N ARG B 153 18.38 -7.79 -36.02
CA ARG B 153 17.81 -7.08 -34.87
C ARG B 153 17.81 -7.95 -33.62
N THR B 154 17.60 -9.26 -33.78
CA THR B 154 17.64 -10.16 -32.65
C THR B 154 19.01 -10.12 -31.97
N GLN B 155 20.08 -10.28 -32.76
CA GLN B 155 21.42 -10.26 -32.19
C GLN B 155 21.74 -8.89 -31.61
N ARG B 156 21.28 -7.82 -32.27
CA ARG B 156 21.51 -6.48 -31.73
C ARG B 156 20.91 -6.32 -30.34
N LEU B 157 19.61 -6.66 -30.21
CA LEU B 157 18.94 -6.50 -28.92
C LEU B 157 19.55 -7.40 -27.86
N LEU B 158 19.86 -8.64 -28.23
CA LEU B 158 20.46 -9.56 -27.27
C LEU B 158 21.85 -9.09 -26.85
N SER B 159 22.61 -8.50 -27.77
CA SER B 159 23.92 -7.96 -27.43
C SER B 159 23.78 -6.83 -26.43
N ALA B 160 22.82 -5.93 -26.64
CA ALA B 160 22.58 -4.87 -25.67
C ALA B 160 22.20 -5.47 -24.32
N VAL B 161 21.41 -6.54 -24.33
CA VAL B 161 20.97 -7.18 -23.10
C VAL B 161 22.16 -7.75 -22.34
N VAL B 162 23.04 -8.48 -23.05
CA VAL B 162 24.18 -9.09 -22.37
C VAL B 162 25.13 -8.03 -21.86
N ASN B 163 25.28 -6.92 -22.61
CA ASN B 163 26.10 -5.82 -22.13
C ASN B 163 25.54 -5.28 -20.82
N TYR B 164 24.22 -5.13 -20.75
CA TYR B 164 23.58 -4.70 -19.50
C TYR B 164 23.84 -5.70 -18.37
N ALA B 165 23.74 -6.99 -18.67
CA ALA B 165 23.98 -8.00 -17.63
C ALA B 165 25.41 -7.93 -17.12
N ARG B 166 26.37 -7.77 -18.02
CA ARG B 166 27.76 -7.65 -17.62
C ARG B 166 27.97 -6.40 -16.77
N PHE B 167 27.29 -5.29 -17.12
CA PHE B 167 27.36 -4.11 -16.28
C PHE B 167 26.84 -4.40 -14.88
N ARG B 168 25.74 -5.14 -14.78
CA ARG B 168 25.22 -5.52 -13.48
C ARG B 168 26.28 -6.28 -12.68
N GLU B 169 26.88 -7.29 -13.32
CA GLU B 169 27.92 -8.07 -12.66
C GLU B 169 29.02 -7.16 -12.14
N GLU B 170 29.49 -6.24 -12.99
CA GLU B 170 30.58 -5.36 -12.58
C GLU B 170 30.20 -4.51 -11.37
N ARG B 171 28.99 -3.96 -11.37
CA ARG B 171 28.62 -3.05 -10.30
C ARG B 171 28.10 -3.78 -9.07
N MET B 172 28.06 -5.11 -9.11
CA MET B 172 27.53 -5.88 -7.98
C MET B 172 28.22 -5.54 -6.66
N PHE B 173 29.53 -5.25 -6.69
CA PHE B 173 30.26 -5.05 -5.43
C PHE B 173 29.65 -3.94 -4.59
N ASP B 174 29.02 -2.96 -5.22
CA ASP B 174 28.41 -1.88 -4.45
C ASP B 174 27.14 -2.34 -3.72
N CYS B 175 26.68 -3.56 -3.98
CA CYS B 175 25.39 -4.03 -3.48
C CYS B 175 25.49 -4.91 -2.25
N ASN B 176 26.59 -5.65 -2.07
CA ASN B 176 26.67 -6.57 -0.93
C ASN B 176 26.48 -5.85 0.39
N SER B 177 26.98 -4.62 0.50
CA SER B 177 26.80 -3.85 1.73
C SER B 177 25.33 -3.78 2.14
N PHE B 178 24.42 -4.10 1.23
CA PHE B 178 22.99 -4.13 1.51
C PHE B 178 22.43 -5.54 1.58
N ILE B 179 22.88 -6.41 0.68
CA ILE B 179 22.40 -7.80 0.67
C ILE B 179 22.76 -8.50 1.97
N LEU B 180 23.98 -8.29 2.46
CA LEU B 180 24.38 -8.93 3.70
C LEU B 180 23.53 -8.49 4.87
N GLN B 181 23.24 -7.18 4.95
CA GLN B 181 22.43 -6.70 6.07
C GLN B 181 20.98 -7.19 5.96
N MET B 182 20.45 -7.23 4.74
CA MET B 182 19.14 -7.82 4.53
C MET B 182 19.10 -9.26 5.03
N GLU B 183 20.07 -10.07 4.60
CA GLU B 183 20.06 -11.47 4.99
C GLU B 183 20.28 -11.63 6.50
N SER B 184 21.10 -10.75 7.10
CA SER B 184 21.27 -10.79 8.55
C SER B 184 19.95 -10.58 9.26
N LEU B 185 19.22 -9.53 8.89
CA LEU B 185 17.96 -9.24 9.56
C LEU B 185 16.94 -10.34 9.32
N LEU B 186 16.86 -10.85 8.09
CA LEU B 186 15.92 -11.93 7.79
C LEU B 186 16.25 -13.20 8.58
N GLY B 187 17.53 -13.57 8.65
CA GLY B 187 17.91 -14.72 9.43
C GLY B 187 17.60 -14.55 10.90
N GLN B 188 17.81 -13.34 11.42
CA GLN B 188 17.47 -13.07 12.82
C GLN B 188 15.97 -13.28 13.06
N ILE B 189 15.14 -12.76 12.15
CA ILE B 189 13.69 -12.95 12.29
C ILE B 189 13.35 -14.43 12.25
N ASN B 190 13.94 -15.16 11.31
CA ASN B 190 13.63 -16.59 11.18
C ASN B 190 14.02 -17.35 12.45
N LYS B 191 15.18 -17.04 13.02
CA LYS B 191 15.60 -17.72 14.24
C LYS B 191 14.66 -17.41 15.40
N LEU B 192 14.24 -16.15 15.53
CA LEU B 192 13.29 -15.82 16.59
C LEU B 192 11.98 -16.59 16.41
N ASN B 193 11.49 -16.67 15.17
CA ASN B 193 10.24 -17.40 14.93
C ASN B 193 10.39 -18.89 15.26
N ASP B 194 11.53 -19.48 14.88
CA ASP B 194 11.74 -20.88 15.18
C ASP B 194 11.78 -21.12 16.69
N GLU B 195 12.47 -20.25 17.43
CA GLU B 195 12.54 -20.41 18.87
C GLU B 195 11.15 -20.30 19.51
N ILE B 196 10.37 -19.31 19.10
CA ILE B 196 9.06 -19.11 19.70
C ILE B 196 8.16 -20.32 19.42
N LYS B 197 8.20 -20.82 18.17
CA LYS B 197 7.42 -22.01 17.84
C LYS B 197 7.84 -23.20 18.68
N GLN B 198 9.15 -23.41 18.83
CA GLN B 198 9.61 -24.54 19.62
C GLN B 198 9.10 -24.46 21.06
N LEU B 199 9.21 -23.28 21.68
CA LEU B 199 8.76 -23.16 23.06
C LEU B 199 7.27 -23.47 23.20
N GLN B 200 6.45 -22.87 22.32
CA GLN B 200 5.01 -23.09 22.45
C GLN B 200 4.65 -24.55 22.22
N LYS B 201 5.27 -25.18 21.21
CA LYS B 201 4.99 -26.59 20.93
C LYS B 201 5.41 -27.46 22.10
N ASP B 202 6.58 -27.20 22.68
CA ASP B 202 7.02 -27.98 23.84
C ASP B 202 5.98 -27.91 24.96
N PHE B 203 5.54 -26.70 25.30
CA PHE B 203 4.60 -26.57 26.41
C PHE B 203 3.31 -27.32 26.11
N GLU B 204 2.77 -27.16 24.90
CA GLU B 204 1.47 -27.77 24.64
C GLU B 204 1.58 -29.28 24.56
N VAL B 205 2.70 -29.81 24.06
CA VAL B 205 2.89 -31.26 24.07
C VAL B 205 2.98 -31.79 25.49
N GLU B 206 3.71 -31.08 26.37
CA GLU B 206 3.78 -31.52 27.75
C GLU B 206 2.39 -31.58 28.38
N VAL B 207 1.59 -30.53 28.15
CA VAL B 207 0.26 -30.49 28.74
C VAL B 207 -0.59 -31.64 28.22
N LYS B 208 -0.55 -31.88 26.91
CA LYS B 208 -1.34 -32.96 26.34
C LYS B 208 -0.90 -34.32 26.88
N GLU B 209 0.40 -34.54 27.03
CA GLU B 209 0.87 -35.81 27.56
C GLU B 209 0.38 -36.03 28.99
N ILE B 210 0.43 -34.99 29.82
CA ILE B 210 -0.05 -35.12 31.20
C ILE B 210 -1.54 -35.40 31.20
N GLU B 211 -2.30 -34.71 30.34
CA GLU B 211 -3.73 -34.96 30.25
C GLU B 211 -4.00 -36.42 29.87
N ILE B 212 -3.24 -36.95 28.92
CA ILE B 212 -3.41 -38.36 28.54
C ILE B 212 -3.15 -39.26 29.73
N GLU B 213 -2.03 -39.02 30.44
CA GLU B 213 -1.71 -39.84 31.59
C GLU B 213 -2.88 -39.89 32.56
N TYR B 214 -3.38 -38.71 32.95
CA TYR B 214 -4.36 -38.69 34.03
C TYR B 214 -5.74 -39.16 33.57
N SER B 215 -6.11 -38.89 32.32
CA SER B 215 -7.38 -39.43 31.82
C SER B 215 -7.34 -40.94 31.81
N LEU B 216 -6.26 -41.55 31.30
CA LEU B 216 -6.21 -42.99 31.29
C LEU B 216 -6.08 -43.56 32.69
N LEU B 217 -5.44 -42.84 33.61
CA LEU B 217 -5.40 -43.28 35.01
C LEU B 217 -6.81 -43.36 35.58
N SER B 218 -7.60 -42.30 35.40
CA SER B 218 -8.98 -42.34 35.86
C SER B 218 -9.74 -43.49 35.23
N GLY B 219 -9.58 -43.66 33.92
CA GLY B 219 -10.27 -44.74 33.25
C GLY B 219 -9.91 -46.10 33.82
N HIS B 220 -8.62 -46.33 34.08
CA HIS B 220 -8.16 -47.61 34.61
C HIS B 220 -8.70 -47.85 36.02
N ILE B 221 -8.66 -46.83 36.88
CA ILE B 221 -9.18 -47.00 38.23
C ILE B 221 -10.66 -47.34 38.20
N ASN B 222 -11.44 -46.60 37.39
CA ASN B 222 -12.86 -46.93 37.27
C ASN B 222 -13.05 -48.34 36.72
N LYS B 223 -12.28 -48.70 35.69
CA LYS B 223 -12.34 -50.03 35.12
C LYS B 223 -12.28 -51.09 36.21
N TYR B 224 -11.19 -51.10 36.98
CA TYR B 224 -11.00 -52.19 37.94
C TYR B 224 -11.97 -52.07 39.11
N MET B 225 -12.27 -50.86 39.58
CA MET B 225 -13.23 -50.72 40.67
C MET B 225 -14.59 -51.31 40.29
N ASN B 226 -15.06 -51.00 39.08
CA ASN B 226 -16.39 -51.49 38.69
C ASN B 226 -16.35 -52.97 38.36
N GLU B 227 -15.25 -53.45 37.76
CA GLU B 227 -15.11 -54.89 37.53
C GLU B 227 -15.15 -55.64 38.85
N MET B 228 -14.54 -55.09 39.89
CA MET B 228 -14.68 -55.65 41.23
C MET B 228 -16.13 -55.64 41.68
N LEU B 229 -16.72 -54.46 41.78
CA LEU B 229 -18.01 -54.34 42.44
C LEU B 229 -19.14 -55.05 41.71
N GLU B 230 -18.96 -55.36 40.42
CA GLU B 230 -20.00 -56.12 39.71
C GLU B 230 -20.03 -57.58 40.17
N TYR B 231 -18.87 -58.17 40.43
CA TYR B 231 -18.83 -59.55 40.90
C TYR B 231 -19.29 -59.67 42.35
N MET B 232 -18.98 -58.68 43.18
CA MET B 232 -19.30 -58.72 44.60
C MET B 232 -20.37 -57.69 44.93
N GLN B 233 -21.52 -58.18 45.40
CA GLN B 233 -22.58 -57.31 45.92
C GLN B 233 -23.74 -58.15 46.45
N ASP C 13 -7.54 -2.17 47.21
CA ASP C 13 -6.41 -2.90 46.66
C ASP C 13 -6.68 -4.41 46.66
N PRO C 14 -7.24 -4.93 45.55
CA PRO C 14 -7.52 -6.37 45.48
C PRO C 14 -6.26 -7.25 45.41
N ARG C 15 -5.08 -6.65 45.31
CA ARG C 15 -3.86 -7.42 45.18
C ARG C 15 -3.67 -8.28 46.43
N PRO C 16 -3.39 -9.59 46.29
CA PRO C 16 -3.03 -10.38 47.50
C PRO C 16 -1.59 -10.13 47.92
N LEU C 17 -1.33 -8.90 48.36
CA LEU C 17 0.04 -8.48 48.61
C LEU C 17 0.69 -9.26 49.75
N ARG C 18 -0.09 -9.59 50.78
CA ARG C 18 0.51 -10.20 51.97
C ARG C 18 0.90 -11.66 51.77
N ASP C 19 0.32 -12.34 50.77
CA ASP C 19 0.74 -13.70 50.47
C ASP C 19 2.21 -13.72 50.07
N LYS C 20 2.94 -14.68 50.63
CA LYS C 20 4.38 -14.75 50.40
C LYS C 20 4.74 -15.52 49.12
N ASN C 21 3.89 -16.45 48.70
CA ASN C 21 4.07 -17.08 47.39
C ASN C 21 3.86 -16.05 46.27
N PHE C 22 2.83 -15.22 46.41
CA PHE C 22 2.62 -14.11 45.48
C PHE C 22 3.84 -13.21 45.44
N GLN C 23 4.38 -12.86 46.61
CA GLN C 23 5.57 -12.03 46.66
C GLN C 23 6.74 -12.69 45.95
N SER C 24 6.93 -14.00 46.17
CA SER C 24 8.02 -14.71 45.53
C SER C 24 7.90 -14.67 44.01
N ALA C 25 6.69 -14.93 43.49
CA ALA C 25 6.49 -14.92 42.05
C ALA C 25 6.76 -13.53 41.46
N ILE C 26 6.18 -12.50 42.07
CA ILE C 26 6.32 -11.15 41.51
C ILE C 26 7.79 -10.73 41.53
N GLN C 27 8.49 -10.97 42.63
CA GLN C 27 9.88 -10.53 42.71
C GLN C 27 10.78 -11.37 41.80
N GLU C 28 10.44 -12.65 41.57
CA GLU C 28 11.18 -13.40 40.56
C GLU C 28 11.01 -12.76 39.18
N GLU C 29 9.78 -12.34 38.84
CA GLU C 29 9.59 -11.66 37.57
C GLU C 29 10.41 -10.37 37.51
N ILE C 30 10.42 -9.61 38.61
CA ILE C 30 11.19 -8.37 38.65
C ILE C 30 12.68 -8.66 38.44
N TYR C 31 13.18 -9.70 39.11
CA TYR C 31 14.58 -10.09 38.95
C TYR C 31 14.88 -10.43 37.49
N ASP C 32 14.02 -11.24 36.88
CA ASP C 32 14.26 -11.63 35.49
C ASP C 32 14.28 -10.39 34.59
N TYR C 33 13.34 -9.48 34.80
CA TYR C 33 13.30 -8.27 33.97
C TYR C 33 14.55 -7.44 34.15
N LEU C 34 15.00 -7.26 35.38
CA LEU C 34 16.19 -6.45 35.63
C LEU C 34 17.44 -7.11 35.04
N LYS C 35 17.52 -8.44 35.11
CA LYS C 35 18.68 -9.13 34.57
C LYS C 35 18.72 -9.04 33.04
N LYS C 36 17.57 -9.23 32.39
CA LYS C 36 17.55 -9.15 30.93
C LYS C 36 17.85 -7.75 30.43
N ASN C 37 17.66 -6.72 31.25
CA ASN C 37 17.85 -5.33 30.84
C ASN C 37 19.01 -4.64 31.56
N LYS C 38 19.92 -5.42 32.16
CA LYS C 38 21.21 -4.91 32.63
C LYS C 38 21.03 -3.80 33.67
N PHE C 39 20.31 -4.13 34.74
CA PHE C 39 20.27 -3.25 35.91
C PHE C 39 21.65 -3.14 36.55
N ASP C 40 22.36 -4.27 36.65
CA ASP C 40 23.63 -4.30 37.38
C ASP C 40 24.69 -3.40 36.75
N ILE C 41 24.60 -3.14 35.46
CA ILE C 41 25.63 -2.37 34.77
C ILE C 41 25.29 -0.88 34.76
N GLU C 42 24.07 -0.53 34.38
CA GLU C 42 23.70 0.88 34.31
C GLU C 42 23.87 1.56 35.67
N THR C 43 23.31 0.97 36.72
CA THR C 43 23.58 1.38 38.09
C THR C 43 24.37 0.28 38.78
N ASN C 44 25.46 0.66 39.45
CA ASN C 44 26.35 -0.32 40.06
C ASN C 44 25.71 -1.01 41.27
N HIS C 45 24.58 -0.51 41.76
CA HIS C 45 23.90 -1.15 42.89
C HIS C 45 23.43 -2.55 42.49
N PRO C 46 23.84 -3.60 43.19
CA PRO C 46 23.40 -4.95 42.84
C PRO C 46 22.00 -5.25 43.35
N ILE C 47 21.47 -6.38 42.87
CA ILE C 47 20.12 -6.82 43.24
C ILE C 47 20.13 -8.33 43.47
N SER C 48 19.48 -8.76 44.54
CA SER C 48 19.31 -10.18 44.83
C SER C 48 17.95 -10.38 45.50
N ILE C 49 17.44 -11.61 45.42
CA ILE C 49 16.13 -11.90 45.97
C ILE C 49 16.14 -11.73 47.49
N LYS C 50 17.27 -12.06 48.12
CA LYS C 50 17.38 -11.88 49.56
C LYS C 50 17.18 -10.42 49.94
N PHE C 51 17.71 -9.51 49.14
CA PHE C 51 17.50 -8.09 49.41
C PHE C 51 16.02 -7.72 49.31
N LEU C 52 15.32 -8.22 48.29
CA LEU C 52 13.90 -7.92 48.17
C LEU C 52 13.10 -8.48 49.34
N LYS C 53 13.56 -9.61 49.90
CA LYS C 53 12.92 -10.15 51.10
C LYS C 53 13.30 -9.38 52.36
N GLN C 54 14.53 -8.84 52.41
CA GLN C 54 15.02 -8.06 53.56
C GLN C 54 15.53 -6.74 53.01
N PRO C 55 14.61 -5.83 52.67
CA PRO C 55 15.00 -4.63 51.92
C PRO C 55 15.52 -3.50 52.79
N THR C 56 16.48 -2.76 52.23
CA THR C 56 16.91 -1.48 52.77
C THR C 56 16.21 -0.35 52.00
N GLN C 57 16.20 0.84 52.59
CA GLN C 57 15.57 1.99 51.94
C GLN C 57 16.33 2.38 50.67
N LYS C 58 17.66 2.41 50.74
CA LYS C 58 18.45 2.90 49.62
C LYS C 58 18.24 2.06 48.36
N GLY C 59 18.25 0.73 48.50
CA GLY C 59 18.02 -0.11 47.33
C GLY C 59 16.65 0.09 46.71
N PHE C 60 15.63 0.26 47.56
CA PHE C 60 14.29 0.55 47.07
C PHE C 60 14.28 1.83 46.25
N ILE C 61 14.91 2.89 46.77
CA ILE C 61 14.96 4.15 46.04
C ILE C 61 15.71 3.97 44.71
N ILE C 62 16.81 3.22 44.73
CA ILE C 62 17.60 3.01 43.52
C ILE C 62 16.78 2.31 42.45
N ILE C 63 16.07 1.23 42.83
CA ILE C 63 15.28 0.50 41.85
C ILE C 63 14.16 1.36 41.31
N PHE C 64 13.46 2.10 42.19
CA PHE C 64 12.40 2.97 41.71
C PHE C 64 12.94 4.00 40.71
N LYS C 65 14.10 4.60 41.03
CA LYS C 65 14.69 5.58 40.14
C LYS C 65 15.03 4.95 38.79
N TRP C 66 15.64 3.76 38.80
CA TRP C 66 16.02 3.13 37.54
C TRP C 66 14.80 2.84 36.68
N LEU C 67 13.74 2.30 37.30
CA LEU C 67 12.53 1.99 36.54
C LEU C 67 11.92 3.26 35.96
N TYR C 68 11.79 4.30 36.79
CA TYR C 68 11.16 5.53 36.31
C TYR C 68 12.01 6.22 35.25
N LEU C 69 13.34 6.05 35.31
CA LEU C 69 14.21 6.64 34.29
C LEU C 69 14.10 5.87 32.97
N ARG C 70 13.95 4.55 33.03
CA ARG C 70 13.60 3.81 31.82
C ARG C 70 12.20 4.18 31.33
N LEU C 71 11.36 4.68 32.23
CA LEU C 71 9.99 5.05 31.91
C LEU C 71 9.85 6.52 31.51
N ASP C 72 10.76 7.37 31.98
CA ASP C 72 10.66 8.82 31.76
C ASP C 72 12.06 9.41 31.81
N PRO C 73 12.84 9.28 30.73
CA PRO C 73 14.26 9.64 30.81
C PRO C 73 14.52 11.10 31.16
N GLY C 74 13.60 12.02 30.82
CA GLY C 74 13.87 13.43 31.04
C GLY C 74 13.73 13.89 32.48
N TYR C 75 13.04 13.13 33.32
CA TYR C 75 12.80 13.54 34.70
C TYR C 75 14.04 13.32 35.56
N GLY C 76 14.40 14.32 36.36
CA GLY C 76 15.50 14.20 37.29
C GLY C 76 15.08 14.36 38.75
N PHE C 77 15.44 13.39 39.58
CA PHE C 77 15.00 13.39 40.97
C PHE C 77 15.75 14.42 41.81
N THR C 78 15.15 14.77 42.94
CA THR C 78 15.73 15.72 43.87
C THR C 78 16.60 14.96 44.87
N LYS C 79 17.10 15.64 45.89
CA LYS C 79 17.83 14.95 46.95
C LYS C 79 16.93 13.95 47.69
N SER C 80 15.87 14.45 48.32
CA SER C 80 15.00 13.58 49.12
C SER C 80 13.90 13.03 48.23
N ILE C 81 14.10 11.80 47.75
CA ILE C 81 13.17 11.20 46.80
C ILE C 81 11.86 10.84 47.48
N GLU C 82 11.90 10.52 48.78
CA GLU C 82 10.69 10.11 49.49
C GLU C 82 9.61 11.18 49.43
N ASN C 83 9.98 12.46 49.44
CA ASN C 83 8.97 13.50 49.40
C ASN C 83 8.32 13.60 48.02
N GLU C 84 9.02 13.17 46.96
CA GLU C 84 8.49 13.26 45.61
C GLU C 84 7.87 11.95 45.12
N ILE C 85 8.31 10.81 45.65
CA ILE C 85 7.85 9.52 45.14
C ILE C 85 6.33 9.41 45.21
N TYR C 86 5.74 9.82 46.34
CA TYR C 86 4.29 9.80 46.43
C TYR C 86 3.66 10.56 45.28
N GLN C 87 4.18 11.77 45.02
CA GLN C 87 3.64 12.58 43.92
C GLN C 87 3.84 11.87 42.59
N ILE C 88 4.97 11.19 42.42
CA ILE C 88 5.16 10.42 41.19
C ILE C 88 4.02 9.43 41.03
N LEU C 89 3.71 8.69 42.10
CA LEU C 89 2.62 7.73 42.03
C LEU C 89 1.31 8.44 41.70
N LYS C 90 1.14 9.66 42.23
CA LYS C 90 -0.05 10.44 41.91
C LYS C 90 -0.12 10.77 40.42
N ASN C 91 1.03 11.12 39.82
CA ASN C 91 1.02 11.50 38.41
C ASN C 91 0.87 10.27 37.50
N LEU C 92 1.39 9.13 37.92
CA LEU C 92 1.23 7.88 37.19
C LEU C 92 -0.15 7.26 37.39
N ARG C 93 -1.02 7.89 38.17
CA ARG C 93 -2.37 7.41 38.40
C ARG C 93 -2.35 5.96 38.89
N TYR C 94 -1.41 5.66 39.79
CA TYR C 94 -1.38 4.38 40.48
C TYR C 94 -2.73 4.17 41.18
N PRO C 95 -3.53 3.20 40.76
CA PRO C 95 -4.91 3.12 41.29
C PRO C 95 -5.00 2.87 42.78
N PHE C 96 -3.94 2.33 43.40
CA PHE C 96 -3.96 1.94 44.80
C PHE C 96 -3.26 2.95 45.70
N LEU C 97 -3.26 4.23 45.30
CA LEU C 97 -2.53 5.24 46.06
C LEU C 97 -3.08 5.40 47.46
N GLU C 98 -4.41 5.42 47.62
CA GLU C 98 -5.01 5.62 48.93
C GLU C 98 -4.71 4.46 49.88
N SER C 99 -4.31 3.31 49.36
CA SER C 99 -3.94 2.17 50.20
C SER C 99 -2.55 2.31 50.78
N ILE C 100 -1.81 3.35 50.40
CA ILE C 100 -0.41 3.54 50.78
C ILE C 100 -0.34 4.77 51.68
N ASN C 101 0.34 4.62 52.81
CA ASN C 101 0.50 5.73 53.75
C ASN C 101 1.78 6.50 53.42
N LYS C 102 1.68 7.82 53.46
CA LYS C 102 2.81 8.65 53.08
C LYS C 102 3.96 8.49 54.08
N SER C 103 3.65 8.42 55.38
CA SER C 103 4.69 8.26 56.38
C SER C 103 5.47 6.96 56.15
N GLN C 104 4.78 5.90 55.73
CA GLN C 104 5.43 4.62 55.50
C GLN C 104 6.49 4.68 54.40
N ILE C 105 6.43 5.68 53.53
CA ILE C 105 7.44 5.80 52.48
C ILE C 105 8.83 5.94 53.08
N SER C 106 8.92 6.56 54.27
CA SER C 106 10.23 6.73 54.90
C SER C 106 10.87 5.40 55.22
N ALA C 107 10.11 4.47 55.79
CA ALA C 107 10.59 3.15 56.16
C ALA C 107 9.78 2.11 55.38
N VAL C 108 10.26 1.78 54.19
CA VAL C 108 9.52 0.88 53.31
C VAL C 108 9.61 -0.56 53.81
N GLY C 109 10.79 -0.97 54.27
CA GLY C 109 11.06 -2.35 54.60
C GLY C 109 10.44 -2.85 55.88
N GLY C 110 9.60 -2.04 56.53
CA GLY C 110 9.00 -2.45 57.79
C GLY C 110 7.76 -3.28 57.57
N SER C 111 6.68 -2.95 58.28
CA SER C 111 5.46 -3.75 58.20
C SER C 111 4.84 -3.70 56.81
N ASN C 112 4.93 -2.56 56.12
CA ASN C 112 4.19 -2.33 54.89
C ASN C 112 5.07 -2.43 53.65
N TRP C 113 6.07 -3.31 53.67
CA TRP C 113 6.88 -3.55 52.48
C TRP C 113 6.08 -4.17 51.33
N HIS C 114 5.00 -4.87 51.65
CA HIS C 114 4.25 -5.57 50.61
C HIS C 114 3.65 -4.60 49.60
N LYS C 115 3.09 -3.48 50.08
CA LYS C 115 2.50 -2.50 49.17
C LYS C 115 3.55 -1.94 48.21
N PHE C 116 4.75 -1.65 48.73
CA PHE C 116 5.80 -1.08 47.90
C PHE C 116 6.31 -2.07 46.87
N LEU C 117 6.52 -3.33 47.27
CA LEU C 117 6.90 -4.34 46.29
C LEU C 117 5.83 -4.51 45.24
N GLY C 118 4.56 -4.40 45.64
CA GLY C 118 3.48 -4.48 44.66
C GLY C 118 3.53 -3.36 43.65
N MET C 119 3.78 -2.13 44.10
CA MET C 119 3.86 -1.04 43.13
C MET C 119 5.08 -1.19 42.22
N LEU C 120 6.19 -1.73 42.74
CA LEU C 120 7.34 -1.97 41.88
C LEU C 120 7.03 -3.01 40.81
N HIS C 121 6.32 -4.09 41.16
CA HIS C 121 5.92 -5.04 40.13
C HIS C 121 4.99 -4.38 39.12
N TRP C 122 4.07 -3.55 39.60
CA TRP C 122 3.22 -2.76 38.71
C TRP C 122 4.07 -1.98 37.72
N MET C 123 5.12 -1.33 38.22
CA MET C 123 5.96 -0.51 37.35
C MET C 123 6.70 -1.36 36.32
N VAL C 124 7.17 -2.54 36.72
CA VAL C 124 7.86 -3.41 35.76
C VAL C 124 6.92 -3.82 34.64
N ARG C 125 5.71 -4.26 35.01
CA ARG C 125 4.74 -4.66 33.99
C ARG C 125 4.40 -3.48 33.07
N THR C 126 4.20 -2.29 33.66
CA THR C 126 3.87 -1.13 32.86
C THR C 126 5.01 -0.78 31.91
N ASN C 127 6.26 -0.95 32.33
CA ASN C 127 7.38 -0.68 31.43
C ASN C 127 7.38 -1.63 30.24
N ILE C 128 7.17 -2.93 30.50
CA ILE C 128 7.16 -3.88 29.39
C ILE C 128 6.03 -3.54 28.42
N LYS C 129 4.83 -3.27 28.96
CA LYS C 129 3.70 -2.94 28.12
C LYS C 129 3.94 -1.64 27.36
N LEU C 130 4.63 -0.68 27.98
CA LEU C 130 4.97 0.56 27.31
C LEU C 130 5.87 0.33 26.11
N ASP C 131 6.90 -0.51 26.26
CA ASP C 131 7.75 -0.80 25.12
C ASP C 131 6.93 -1.43 23.99
N MET C 132 6.04 -2.36 24.34
CA MET C 132 5.19 -2.97 23.32
C MET C 132 4.32 -1.92 22.62
N CYS C 133 3.73 -1.01 23.40
CA CYS C 133 2.87 0.02 22.82
C CYS C 133 3.65 0.94 21.90
N LEU C 134 4.88 1.28 22.27
CA LEU C 134 5.69 2.13 21.39
C LEU C 134 6.01 1.43 20.08
N ASN C 135 6.33 0.13 20.13
CA ASN C 135 6.53 -0.60 18.88
C ASN C 135 5.26 -0.57 18.04
N LYS C 136 4.10 -0.78 18.68
CA LYS C 136 2.84 -0.74 17.95
C LYS C 136 2.65 0.62 17.29
N VAL C 137 2.96 1.71 18.00
CA VAL C 137 2.74 3.04 17.45
C VAL C 137 3.70 3.31 16.29
N ASP C 138 4.93 2.81 16.37
CA ASP C 138 5.84 2.97 15.24
C ASP C 138 5.28 2.27 14.00
N ARG C 139 4.79 1.04 14.18
CA ARG C 139 4.17 0.35 13.05
C ARG C 139 2.94 1.10 12.56
N SER C 140 2.18 1.69 13.48
CA SER C 140 0.99 2.46 13.10
C SER C 140 1.38 3.65 12.22
N LEU C 141 2.44 4.35 12.58
CA LEU C 141 2.92 5.45 11.75
C LEU C 141 3.33 4.95 10.38
N ILE C 142 4.12 3.87 10.35
CA ILE C 142 4.61 3.36 9.08
C ILE C 142 3.46 2.89 8.20
N ASN C 143 2.35 2.49 8.80
CA ASN C 143 1.20 2.01 8.04
C ASN C 143 0.29 3.13 7.58
N GLN C 144 0.03 4.12 8.44
CA GLN C 144 -0.80 5.25 8.06
C GLN C 144 -0.08 6.25 7.17
N ASN C 145 1.23 6.12 7.01
CA ASN C 145 1.90 6.85 5.94
C ASN C 145 1.60 6.22 4.59
N THR C 146 1.64 4.88 4.51
CA THR C 146 1.44 4.20 3.23
C THR C 146 -0.04 4.00 2.87
N GLN C 147 -0.95 4.17 3.84
CA GLN C 147 -2.37 4.04 3.51
C GLN C 147 -2.78 5.08 2.49
N GLU C 148 -2.25 6.31 2.61
CA GLU C 148 -2.59 7.36 1.67
C GLU C 148 -2.19 6.98 0.26
N ILE C 149 -0.94 6.50 0.10
CA ILE C 149 -0.46 6.13 -1.23
C ILE C 149 -1.26 4.97 -1.79
N THR C 150 -1.52 3.95 -0.96
CA THR C 150 -2.24 2.79 -1.45
C THR C 150 -3.66 3.17 -1.88
N ILE C 151 -4.29 4.09 -1.16
CA ILE C 151 -5.62 4.54 -1.55
C ILE C 151 -5.57 5.35 -2.84
N LEU C 152 -4.56 6.22 -2.98
CA LEU C 152 -4.48 7.09 -4.14
C LEU C 152 -4.02 6.40 -5.41
N SER C 153 -3.69 5.11 -5.33
CA SER C 153 -3.30 4.31 -6.49
C SER C 153 -4.32 3.21 -6.79
N GLN C 154 -5.59 3.44 -6.41
CA GLN C 154 -6.71 2.54 -6.59
C GLN C 154 -7.56 2.94 -7.80
N PRO C 155 -8.20 1.96 -8.46
CA PRO C 155 -9.16 2.28 -9.52
C PRO C 155 -10.05 3.47 -9.14
N LEU C 156 -10.05 4.48 -10.00
CA LEU C 156 -10.79 5.72 -9.72
C LEU C 156 -12.21 5.41 -9.26
N LYS C 157 -12.74 6.33 -8.47
CA LYS C 157 -14.09 6.26 -7.91
C LYS C 157 -14.97 7.36 -8.50
N THR C 158 -16.28 7.18 -8.31
CA THR C 158 -17.24 8.25 -8.59
C THR C 158 -16.87 9.53 -7.84
N LEU C 159 -17.42 10.66 -8.29
CA LEU C 159 -17.01 11.96 -7.76
C LEU C 159 -17.29 12.12 -6.28
N ASP C 160 -18.26 11.39 -5.72
CA ASP C 160 -18.56 11.55 -4.30
C ASP C 160 -17.36 11.29 -3.40
N GLU C 161 -16.25 10.77 -3.94
CA GLU C 161 -15.04 10.51 -3.18
C GLU C 161 -13.87 11.39 -3.61
N GLN C 162 -13.94 11.96 -4.81
CA GLN C 162 -12.78 12.65 -5.39
C GLN C 162 -12.33 13.83 -4.55
N ASP C 163 -13.26 14.54 -3.91
CA ASP C 163 -12.86 15.66 -3.06
C ASP C 163 -11.87 15.19 -1.99
N GLN C 164 -12.13 14.03 -1.38
CA GLN C 164 -11.22 13.55 -0.35
C GLN C 164 -9.80 13.42 -0.90
N ARG C 165 -9.66 13.02 -2.17
CA ARG C 165 -8.32 12.87 -2.72
C ARG C 165 -7.51 14.14 -2.53
N GLN C 166 -8.11 15.31 -2.79
CA GLN C 166 -7.34 16.53 -2.66
C GLN C 166 -6.75 16.65 -1.27
N GLU C 167 -7.59 16.43 -0.25
CA GLU C 167 -7.09 16.53 1.12
C GLU C 167 -5.91 15.58 1.31
N ARG C 168 -6.06 14.34 0.83
CA ARG C 168 -4.99 13.37 1.01
C ARG C 168 -3.72 13.86 0.34
N TYR C 169 -3.83 14.35 -0.89
CA TYR C 169 -2.64 14.87 -1.55
C TYR C 169 -1.99 15.94 -0.68
N GLU C 170 -2.79 16.88 -0.19
CA GLU C 170 -2.23 17.95 0.62
C GLU C 170 -1.51 17.37 1.82
N LEU C 171 -2.16 16.42 2.52
CA LEU C 171 -1.52 15.85 3.70
C LEU C 171 -0.20 15.22 3.30
N MET C 172 -0.19 14.50 2.18
CA MET C 172 1.06 13.89 1.73
C MET C 172 2.14 14.96 1.60
N VAL C 173 1.85 16.01 0.84
CA VAL C 173 2.86 17.05 0.66
C VAL C 173 3.20 17.67 2.00
N GLU C 174 2.20 17.88 2.85
CA GLU C 174 2.47 18.50 4.14
C GLU C 174 3.49 17.67 4.91
N LYS C 175 3.34 16.35 4.88
CA LYS C 175 4.30 15.51 5.58
C LYS C 175 5.71 15.79 5.09
N LEU C 176 5.89 15.80 3.77
CA LEU C 176 7.21 16.07 3.22
C LEU C 176 7.76 17.37 3.80
N LEU C 177 6.97 18.44 3.75
CA LEU C 177 7.49 19.72 4.21
C LEU C 177 7.90 19.63 5.67
N ILE C 178 7.07 19.01 6.50
CA ILE C 178 7.41 18.94 7.91
C ILE C 178 8.72 18.19 8.09
N ASP C 179 8.87 17.07 7.36
CA ASP C 179 10.12 16.34 7.43
C ASP C 179 11.28 17.27 7.12
N TYR C 180 11.20 17.96 5.98
CA TYR C 180 12.26 18.88 5.62
C TYR C 180 12.54 19.83 6.78
N PHE C 181 11.49 20.45 7.29
CA PHE C 181 11.68 21.46 8.33
C PHE C 181 12.47 20.86 9.48
N THR C 182 12.01 19.71 9.99
CA THR C 182 12.66 19.14 11.16
C THR C 182 14.12 18.89 10.86
N GLU C 183 14.41 18.19 9.76
CA GLU C 183 15.80 17.91 9.46
C GLU C 183 16.57 19.21 9.29
N SER C 184 16.00 20.16 8.55
CA SER C 184 16.70 21.41 8.34
C SER C 184 16.98 22.09 9.67
N TYR C 185 15.98 22.09 10.57
CA TYR C 185 16.19 22.78 11.83
C TYR C 185 17.25 22.08 12.66
N LYS C 186 17.35 20.75 12.53
CA LYS C 186 18.43 20.05 13.21
C LYS C 186 19.78 20.59 12.77
N SER C 187 19.97 20.76 11.46
CA SER C 187 21.23 21.32 10.99
C SER C 187 21.46 22.71 11.59
N PHE C 188 20.39 23.49 11.75
CA PHE C 188 20.54 24.80 12.36
C PHE C 188 20.96 24.69 13.81
N LEU C 189 20.41 23.71 14.53
CA LEU C 189 20.74 23.56 15.95
C LEU C 189 22.17 23.07 16.14
N LYS C 190 22.65 22.21 15.25
CA LYS C 190 24.05 21.77 15.28
C LYS C 190 24.98 22.76 14.61
N LEU C 191 24.45 23.90 14.14
CA LEU C 191 25.17 25.04 13.57
C LEU C 191 25.67 24.76 12.16
N GLU C 192 25.49 23.57 11.62
CA GLU C 192 25.74 23.37 10.19
C GLU C 192 24.64 24.03 9.37
N ASP C 193 25.03 24.57 8.22
CA ASP C 193 24.12 25.33 7.36
C ASP C 193 24.14 24.75 5.96
N ASN C 194 24.00 23.43 5.86
CA ASN C 194 23.99 22.71 4.60
C ASN C 194 22.64 21.99 4.54
N TYR C 195 21.65 22.66 3.96
CA TYR C 195 20.28 22.14 3.88
C TYR C 195 20.05 21.35 2.60
N GLU C 196 21.06 21.24 1.73
CA GLU C 196 20.92 20.52 0.48
C GLU C 196 20.44 19.08 0.65
N PRO C 197 20.93 18.30 1.63
CA PRO C 197 20.42 16.92 1.75
C PRO C 197 18.93 16.83 2.00
N SER C 198 18.44 17.57 2.99
CA SER C 198 17.00 17.63 3.22
C SER C 198 16.27 18.10 1.97
N MET C 199 16.88 19.04 1.25
CA MET C 199 16.26 19.57 0.05
C MET C 199 16.08 18.50 -1.00
N GLN C 200 17.10 17.65 -1.20
CA GLN C 200 16.95 16.59 -2.20
C GLN C 200 16.04 15.48 -1.73
N GLU C 201 15.97 15.22 -0.43
CA GLU C 201 14.94 14.29 0.05
C GLU C 201 13.55 14.81 -0.30
N LEU C 202 13.34 16.12 -0.09
CA LEU C 202 12.09 16.74 -0.48
C LEU C 202 11.87 16.62 -1.97
N LYS C 203 12.94 16.80 -2.76
CA LYS C 203 12.81 16.71 -4.21
C LYS C 203 12.37 15.31 -4.65
N LEU C 204 12.96 14.27 -4.07
CA LEU C 204 12.55 12.92 -4.42
C LEU C 204 11.10 12.66 -4.04
N GLY C 205 10.71 13.06 -2.83
CA GLY C 205 9.33 12.87 -2.41
C GLY C 205 8.36 13.58 -3.35
N PHE C 206 8.68 14.83 -3.69
CA PHE C 206 7.82 15.59 -4.58
C PHE C 206 7.80 15.01 -5.99
N GLU C 207 8.92 14.42 -6.43
CA GLU C 207 8.93 13.76 -7.73
C GLU C 207 7.96 12.59 -7.75
N LYS C 208 7.96 11.79 -6.69
CA LYS C 208 7.02 10.66 -6.64
C LYS C 208 5.58 11.17 -6.60
N PHE C 209 5.31 12.20 -5.79
CA PHE C 209 4.01 12.85 -5.78
C PHE C 209 3.58 13.27 -7.18
N VAL C 210 4.50 13.93 -7.90
CA VAL C 210 4.19 14.43 -9.24
C VAL C 210 3.88 13.27 -10.18
N HIS C 211 4.63 12.19 -10.08
CA HIS C 211 4.36 11.04 -10.96
C HIS C 211 2.95 10.50 -10.72
N ILE C 212 2.58 10.28 -9.46
CA ILE C 212 1.26 9.72 -9.18
C ILE C 212 0.16 10.67 -9.67
N ILE C 213 0.31 11.96 -9.36
CA ILE C 213 -0.76 12.88 -9.70
C ILE C 213 -0.87 13.03 -11.21
N ASN C 214 0.26 12.98 -11.94
CA ASN C 214 0.18 13.04 -13.39
C ASN C 214 -0.50 11.81 -13.98
N THR C 215 -0.27 10.64 -13.40
CA THR C 215 -1.02 9.46 -13.86
C THR C 215 -2.51 9.68 -13.65
N ASP C 216 -2.88 10.22 -12.48
CA ASP C 216 -4.29 10.49 -12.21
C ASP C 216 -4.86 11.49 -13.22
N VAL C 217 -4.10 12.54 -13.53
CA VAL C 217 -4.55 13.56 -14.48
C VAL C 217 -4.76 12.94 -15.86
N THR C 218 -3.82 12.12 -16.30
CA THR C 218 -3.97 11.47 -17.61
C THR C 218 -5.22 10.60 -17.62
N SER C 219 -5.46 9.85 -16.54
CA SER C 219 -6.68 9.07 -16.48
C SER C 219 -7.91 9.96 -16.63
N THR C 220 -7.94 11.07 -15.89
CA THR C 220 -9.13 11.92 -15.91
C THR C 220 -9.35 12.55 -17.29
N GLU C 221 -8.29 13.03 -17.93
CA GLU C 221 -8.46 13.62 -19.26
C GLU C 221 -8.89 12.56 -20.28
N LEU C 222 -8.33 11.35 -20.21
CA LEU C 222 -8.79 10.30 -21.10
C LEU C 222 -10.27 10.02 -20.90
N LYS C 223 -10.72 10.00 -19.64
CA LYS C 223 -12.14 9.78 -19.37
C LYS C 223 -12.97 10.93 -19.95
N LEU C 224 -12.47 12.17 -19.85
CA LEU C 224 -13.21 13.30 -20.40
C LEU C 224 -13.39 13.16 -21.91
N GLU C 225 -12.30 12.81 -22.61
CA GLU C 225 -12.41 12.66 -24.07
C GLU C 225 -13.34 11.51 -24.44
N GLU C 226 -13.26 10.40 -23.71
CA GLU C 226 -14.14 9.26 -23.98
C GLU C 226 -15.59 9.65 -23.72
N LEU C 227 -15.83 10.44 -22.67
CA LEU C 227 -17.18 10.93 -22.40
C LEU C 227 -17.69 11.78 -23.55
N LYS C 228 -16.85 12.66 -24.09
CA LYS C 228 -17.28 13.45 -25.24
C LYS C 228 -17.69 12.54 -26.38
N VAL C 229 -16.90 11.51 -26.65
CA VAL C 229 -17.23 10.57 -27.71
C VAL C 229 -18.60 9.92 -27.44
N ASP C 230 -18.79 9.46 -26.21
CA ASP C 230 -20.04 8.78 -25.86
C ASP C 230 -21.23 9.70 -25.99
N LEU C 231 -21.09 10.95 -25.55
CA LEU C 231 -22.20 11.88 -25.65
C LEU C 231 -22.57 12.16 -27.10
N ASN C 232 -21.56 12.30 -27.98
CA ASN C 232 -21.89 12.45 -29.39
C ASN C 232 -22.61 11.22 -29.93
N ARG C 233 -22.14 10.02 -29.57
CA ARG C 233 -22.80 8.81 -30.05
C ARG C 233 -24.24 8.75 -29.56
N LYS C 234 -24.51 9.20 -28.34
CA LYS C 234 -25.87 9.19 -27.83
C LYS C 234 -26.72 10.27 -28.51
N ARG C 235 -26.13 11.42 -28.79
CA ARG C 235 -26.86 12.46 -29.51
C ARG C 235 -27.25 12.00 -30.90
N TYR C 236 -26.45 11.12 -31.51
CA TYR C 236 -26.88 10.54 -32.78
C TYR C 236 -28.22 9.84 -32.65
N LYS C 237 -28.36 8.96 -31.65
CA LYS C 237 -29.62 8.25 -31.47
C LYS C 237 -30.73 9.20 -31.09
N LEU C 238 -30.41 10.24 -30.30
CA LEU C 238 -31.42 11.24 -29.96
C LEU C 238 -31.97 11.91 -31.21
N HIS C 239 -31.09 12.33 -32.12
CA HIS C 239 -31.53 12.95 -33.35
C HIS C 239 -32.34 11.97 -34.21
N GLN C 240 -31.90 10.71 -34.27
CA GLN C 240 -32.64 9.70 -35.01
C GLN C 240 -34.06 9.57 -34.48
N GLN C 241 -34.21 9.50 -33.15
CA GLN C 241 -35.54 9.37 -32.56
C GLN C 241 -36.39 10.62 -32.82
N VAL C 242 -35.78 11.80 -32.76
CA VAL C 242 -36.52 13.01 -33.05
C VAL C 242 -37.05 12.98 -34.48
N ILE C 243 -36.22 12.50 -35.42
CA ILE C 243 -36.67 12.37 -36.80
C ILE C 243 -37.86 11.41 -36.87
N HIS C 244 -37.76 10.29 -36.16
CA HIS C 244 -38.86 9.33 -36.15
C HIS C 244 -40.15 9.96 -35.64
N VAL C 245 -40.05 10.73 -34.55
CA VAL C 245 -41.21 11.38 -33.96
C VAL C 245 -41.82 12.37 -34.93
N ILE C 246 -40.98 13.17 -35.60
CA ILE C 246 -41.50 14.15 -36.55
C ILE C 246 -42.23 13.44 -37.68
N ASP C 247 -41.66 12.34 -38.17
CA ASP C 247 -42.33 11.57 -39.23
C ASP C 247 -43.72 11.13 -38.79
N ILE C 248 -43.81 10.51 -37.61
CA ILE C 248 -45.10 9.97 -37.18
C ILE C 248 -46.10 11.11 -36.94
N THR C 249 -45.63 12.25 -36.42
CA THR C 249 -46.52 13.38 -36.22
C THR C 249 -47.09 13.86 -37.55
N SER C 250 -46.24 13.99 -38.57
CA SER C 250 -46.73 14.44 -39.87
C SER C 250 -47.74 13.46 -40.45
N LYS C 251 -47.47 12.16 -40.33
CA LYS C 251 -48.40 11.17 -40.85
C LYS C 251 -49.76 11.26 -40.15
N PHE C 252 -49.73 11.41 -38.81
CA PHE C 252 -50.98 11.56 -38.07
C PHE C 252 -51.74 12.79 -38.52
N LYS C 253 -51.05 13.91 -38.72
CA LYS C 253 -51.73 15.12 -39.16
C LYS C 253 -52.37 14.92 -40.53
N ILE C 254 -51.69 14.25 -41.46
CA ILE C 254 -52.25 14.05 -42.79
C ILE C 254 -53.50 13.18 -42.70
N ASN C 255 -53.44 12.12 -41.88
CA ASN C 255 -54.62 11.26 -41.72
C ASN C 255 -55.79 12.06 -41.17
N ILE C 256 -55.52 12.91 -40.17
CA ILE C 256 -56.57 13.74 -39.60
C ILE C 256 -57.16 14.66 -40.66
N GLN C 257 -56.30 15.24 -41.50
CA GLN C 257 -56.79 16.13 -42.54
C GLN C 257 -57.71 15.40 -43.51
N SER C 258 -57.31 14.20 -43.94
CA SER C 258 -58.15 13.46 -44.88
C SER C 258 -59.49 13.10 -44.27
N SER C 259 -59.49 12.62 -43.02
CA SER C 259 -60.75 12.27 -42.38
C SER C 259 -61.65 13.47 -42.23
N LEU C 260 -61.08 14.61 -41.82
CA LEU C 260 -61.88 15.84 -41.69
C LEU C 260 -62.48 16.24 -43.02
N GLU C 261 -61.71 16.13 -44.11
CA GLU C 261 -62.23 16.51 -45.42
C GLU C 261 -63.43 15.65 -45.81
N ASN C 262 -63.31 14.33 -45.62
CA ASN C 262 -64.42 13.44 -45.95
C ASN C 262 -65.65 13.78 -45.12
N SER C 263 -65.45 13.99 -43.81
CA SER C 263 -66.58 14.30 -42.95
C SER C 263 -67.25 15.60 -43.38
N GLU C 264 -66.45 16.62 -43.72
CA GLU C 264 -67.02 17.91 -44.10
C GLU C 264 -67.84 17.78 -45.37
N ASN C 265 -67.32 17.09 -46.39
CA ASN C 265 -68.10 17.01 -47.63
C ASN C 265 -69.39 16.24 -47.40
N GLU C 266 -69.35 15.15 -46.63
CA GLU C 266 -70.57 14.38 -46.39
C GLU C 266 -71.60 15.20 -45.61
N LEU C 267 -71.16 15.94 -44.58
CA LEU C 267 -72.09 16.75 -43.82
C LEU C 267 -72.67 17.88 -44.67
N GLY C 268 -71.86 18.47 -45.55
CA GLY C 268 -72.40 19.48 -46.45
C GLY C 268 -73.47 18.91 -47.36
N ASN C 269 -73.21 17.73 -47.95
CA ASN C 269 -74.19 17.11 -48.83
C ASN C 269 -75.51 16.83 -48.09
N VAL C 270 -75.42 16.21 -46.91
CA VAL C 270 -76.63 15.86 -46.18
C VAL C 270 -77.39 17.12 -45.77
N ILE C 271 -76.66 18.17 -45.33
CA ILE C 271 -77.34 19.40 -44.94
C ILE C 271 -78.07 20.00 -46.13
N GLU C 272 -77.45 19.97 -47.31
CA GLU C 272 -78.12 20.48 -48.49
C GLU C 272 -79.39 19.68 -48.79
N GLU C 273 -79.31 18.35 -48.66
CA GLU C 273 -80.49 17.52 -48.90
C GLU C 273 -81.60 17.85 -47.91
N LEU C 274 -81.25 18.04 -46.64
CA LEU C 274 -82.25 18.40 -45.64
C LEU C 274 -82.87 19.76 -45.93
N ARG C 275 -82.06 20.71 -46.41
CA ARG C 275 -82.61 22.00 -46.82
C ARG C 275 -83.65 21.80 -47.93
N ASN C 276 -83.31 20.99 -48.94
CA ASN C 276 -84.26 20.73 -50.01
C ASN C 276 -85.55 20.13 -49.47
N LEU C 277 -85.45 19.16 -48.55
CA LEU C 277 -86.64 18.50 -48.05
C LEU C 277 -87.51 19.44 -47.21
N GLU C 278 -86.89 20.27 -46.37
CA GLU C 278 -87.68 21.16 -45.52
C GLU C 278 -88.31 22.29 -46.32
N PHE C 279 -87.61 22.79 -47.34
CA PHE C 279 -88.15 23.88 -48.14
C PHE C 279 -89.53 23.53 -48.68
N GLU C 280 -89.73 22.28 -49.07
CA GLU C 280 -90.99 21.85 -49.64
C GLU C 280 -92.13 21.94 -48.63
N PRO D 44 18.93 29.42 21.60
CA PRO D 44 18.56 30.71 22.17
C PRO D 44 17.18 30.70 22.82
N ILE D 45 16.99 31.54 23.84
CA ILE D 45 15.76 31.57 24.63
C ILE D 45 15.35 33.02 24.82
N LEU D 46 14.05 33.26 24.85
CA LEU D 46 13.48 34.61 24.85
C LEU D 46 12.54 34.81 26.03
N ASP D 47 11.95 36.01 26.10
CA ASP D 47 11.11 36.43 27.20
C ASP D 47 9.63 36.31 26.85
N LEU D 48 8.80 36.32 27.91
CA LEU D 48 7.41 35.92 27.80
C LEU D 48 6.60 36.81 26.86
N GLN D 49 6.57 38.11 27.12
CA GLN D 49 5.61 38.99 26.42
C GLN D 49 5.73 38.87 24.90
N GLU D 50 6.96 38.69 24.39
CA GLU D 50 7.10 38.49 22.95
C GLU D 50 6.75 37.08 22.54
N LEU D 51 7.00 36.09 23.40
CA LEU D 51 6.60 34.73 23.12
C LEU D 51 5.10 34.62 22.87
N VAL D 52 4.30 35.32 23.68
CA VAL D 52 2.85 35.19 23.57
C VAL D 52 2.38 35.65 22.19
N ILE D 53 2.88 36.81 21.75
CA ILE D 53 2.49 37.34 20.45
C ILE D 53 3.00 36.46 19.33
N CYS D 54 4.22 35.91 19.48
CA CYS D 54 4.73 35.00 18.46
C CYS D 54 3.82 33.78 18.31
N LEU D 55 3.40 33.19 19.44
CA LEU D 55 2.50 32.04 19.37
C LEU D 55 1.16 32.41 18.74
N GLN D 56 0.61 33.56 19.13
CA GLN D 56 -0.68 33.96 18.57
C GLN D 56 -0.58 34.26 17.08
N SER D 57 0.59 34.70 16.61
CA SER D 57 0.77 34.97 15.18
C SER D 57 0.89 33.69 14.36
N CYS D 58 1.27 32.57 14.99
CA CYS D 58 1.37 31.29 14.31
C CYS D 58 0.02 30.57 14.24
N ASP D 59 -1.08 31.28 14.47
CA ASP D 59 -2.43 30.73 14.36
C ASP D 59 -2.70 29.74 15.49
N PHE D 60 -2.15 30.01 16.67
CA PHE D 60 -2.40 29.22 17.87
C PHE D 60 -3.14 30.09 18.88
N ALA D 61 -4.29 29.61 19.34
CA ALA D 61 -5.13 30.41 20.24
C ALA D 61 -4.36 30.84 21.48
N LEU D 62 -3.54 29.93 22.03
CA LEU D 62 -2.74 30.25 23.21
C LEU D 62 -3.62 30.50 24.43
N ALA D 63 -3.07 30.27 25.62
CA ALA D 63 -3.80 30.42 26.88
C ALA D 63 -3.50 31.77 27.51
N THR D 64 -4.52 32.33 28.17
CA THR D 64 -4.41 33.66 28.74
C THR D 64 -3.14 33.78 29.58
N GLN D 65 -2.62 35.01 29.67
CA GLN D 65 -1.33 35.24 30.30
C GLN D 65 -1.29 34.71 31.73
N GLU D 66 -2.43 34.74 32.42
CA GLU D 66 -2.47 34.23 33.79
C GLU D 66 -2.22 32.73 33.87
N ASN D 67 -2.25 32.02 32.74
CA ASN D 67 -2.02 30.59 32.71
C ASN D 67 -0.57 30.21 32.43
N ILE D 68 0.14 31.02 31.64
CA ILE D 68 1.50 30.66 31.22
C ILE D 68 2.44 30.64 32.42
N SER D 69 2.41 31.70 33.23
CA SER D 69 3.25 31.76 34.41
C SER D 69 2.69 30.98 35.59
N ARG D 70 1.42 30.58 35.53
CA ARG D 70 0.77 29.76 36.56
C ARG D 70 0.15 28.57 35.84
N PRO D 71 0.95 27.59 35.45
CA PRO D 71 0.45 26.52 34.58
C PRO D 71 -0.62 25.67 35.25
N THR D 72 -1.50 25.12 34.41
CA THR D 72 -2.52 24.16 34.83
C THR D 72 -2.40 22.91 33.97
N SER D 73 -2.76 21.77 34.55
CA SER D 73 -2.58 20.49 33.85
C SER D 73 -3.42 20.43 32.58
N ASP D 74 -4.72 20.73 32.68
CA ASP D 74 -5.61 20.56 31.54
C ASP D 74 -5.25 21.50 30.40
N TYR D 75 -5.07 22.78 30.70
CA TYR D 75 -4.70 23.74 29.67
C TYR D 75 -3.36 23.37 29.06
N MET D 76 -2.39 22.97 29.89
CA MET D 76 -1.06 22.65 29.38
C MET D 76 -1.11 21.47 28.43
N VAL D 77 -1.82 20.41 28.81
CA VAL D 77 -1.91 19.23 27.95
C VAL D 77 -2.64 19.56 26.66
N THR D 78 -3.71 20.35 26.73
CA THR D 78 -4.43 20.71 25.52
C THR D 78 -3.55 21.52 24.58
N LEU D 79 -2.78 22.47 25.11
CA LEU D 79 -1.90 23.27 24.27
C LEU D 79 -0.80 22.41 23.63
N TYR D 80 -0.24 21.46 24.38
CA TYR D 80 0.73 20.55 23.77
C TYR D 80 0.09 19.73 22.65
N LYS D 81 -1.12 19.23 22.87
CA LYS D 81 -1.85 18.52 21.81
C LYS D 81 -1.93 19.39 20.57
N GLN D 82 -2.36 20.64 20.74
CA GLN D 82 -2.50 21.54 19.61
C GLN D 82 -1.16 21.73 18.89
N ILE D 83 -0.10 22.02 19.65
CA ILE D 83 1.19 22.30 19.05
C ILE D 83 1.66 21.11 18.22
N ILE D 84 1.60 19.91 18.80
CA ILE D 84 2.11 18.74 18.10
C ILE D 84 1.25 18.43 16.88
N GLU D 85 -0.07 18.54 17.02
CA GLU D 85 -0.95 18.22 15.90
C GLU D 85 -0.85 19.27 14.78
N ASN D 86 -0.39 20.48 15.08
CA ASN D 86 -0.21 21.49 14.05
C ASN D 86 1.16 21.36 13.37
N PHE D 87 2.23 21.44 14.16
CA PHE D 87 3.57 21.40 13.57
C PHE D 87 3.84 20.06 12.90
N MET D 88 3.39 18.97 13.51
CA MET D 88 3.70 17.63 13.00
C MET D 88 2.51 16.98 12.30
N GLY D 89 1.37 17.65 12.24
CA GLY D 89 0.25 17.19 11.44
C GLY D 89 -0.18 15.76 11.71
N ILE D 90 -0.34 15.42 12.98
CA ILE D 90 -0.78 14.10 13.39
C ILE D 90 -2.02 14.25 14.27
N SER D 91 -2.64 13.12 14.56
CA SER D 91 -3.77 13.05 15.50
C SER D 91 -3.34 12.22 16.70
N VAL D 92 -3.37 12.84 17.88
CA VAL D 92 -2.91 12.16 19.09
C VAL D 92 -3.78 10.95 19.38
N GLU D 93 -5.11 11.13 19.33
CA GLU D 93 -6.00 10.06 19.73
C GLU D 93 -5.96 8.89 18.76
N SER D 94 -5.66 9.14 17.49
CA SER D 94 -5.48 8.04 16.54
C SER D 94 -4.34 7.13 17.00
N LEU D 95 -3.21 7.73 17.39
CA LEU D 95 -2.08 6.94 17.89
C LEU D 95 -2.44 6.24 19.20
N LEU D 96 -3.14 6.94 20.09
CA LEU D 96 -3.54 6.31 21.35
C LEU D 96 -4.38 5.07 21.10
N ASN D 97 -5.35 5.16 20.19
CA ASN D 97 -6.20 4.01 19.90
C ASN D 97 -5.49 2.97 19.06
N SER D 98 -4.41 3.33 18.36
CA SER D 98 -3.62 2.33 17.65
C SER D 98 -2.75 1.53 18.60
N SER D 99 -2.27 2.14 19.68
CA SER D 99 -1.44 1.40 20.62
C SER D 99 -2.25 0.43 21.46
N ASN D 100 -3.44 0.84 21.90
CA ASN D 100 -4.22 0.05 22.85
C ASN D 100 -4.82 -1.20 22.24
N GLN D 101 -4.77 -1.36 20.92
CA GLN D 101 -5.46 -2.46 20.26
C GLN D 101 -4.98 -3.82 20.77
N GLU D 102 -5.93 -4.70 21.10
CA GLU D 102 -5.63 -6.04 21.58
C GLU D 102 -5.79 -7.11 20.51
N THR D 103 -6.16 -6.74 19.29
CA THR D 103 -6.32 -7.72 18.22
C THR D 103 -5.00 -8.47 17.97
N GLY D 104 -3.96 -7.73 17.59
CA GLY D 104 -2.68 -8.34 17.28
C GLY D 104 -1.85 -8.74 18.48
N ASP D 105 -2.20 -8.26 19.67
CA ASP D 105 -1.43 -8.62 20.85
C ASP D 105 -1.31 -10.13 21.00
N GLY D 106 -2.45 -10.82 21.11
CA GLY D 106 -2.41 -12.25 21.32
C GLY D 106 -1.99 -12.58 22.75
N HIS D 107 -0.84 -12.06 23.15
CA HIS D 107 -0.33 -12.24 24.50
C HIS D 107 -1.04 -11.29 25.45
N LEU D 108 -0.54 -11.18 26.67
CA LEU D 108 -1.17 -10.49 27.81
C LEU D 108 -2.23 -11.37 28.44
N GLN D 109 -2.30 -12.64 28.05
CA GLN D 109 -3.29 -13.54 28.61
C GLN D 109 -3.11 -13.67 30.12
N GLU D 110 -4.25 -13.77 30.83
CA GLU D 110 -4.29 -13.99 32.27
C GLU D 110 -3.87 -12.75 33.06
N GLU D 111 -4.00 -11.57 32.47
CA GLU D 111 -3.63 -10.30 33.09
C GLU D 111 -4.88 -9.48 33.37
N ASN D 112 -4.69 -8.31 33.98
CA ASN D 112 -5.76 -7.43 34.39
C ASN D 112 -5.62 -6.08 33.70
N GLU D 113 -5.33 -6.11 32.39
CA GLU D 113 -4.91 -4.93 31.64
C GLU D 113 -5.77 -3.70 31.96
N ASN D 114 -7.02 -3.91 32.38
CA ASN D 114 -7.90 -2.78 32.69
C ASN D 114 -7.24 -1.85 33.71
N ILE D 115 -6.35 -2.38 34.54
CA ILE D 115 -5.71 -1.58 35.58
C ILE D 115 -4.57 -0.70 35.07
N TYR D 116 -4.08 -0.95 33.86
CA TYR D 116 -2.87 -0.31 33.37
C TYR D 116 -3.08 0.73 32.28
N LEU D 117 -4.18 0.63 31.52
CA LEU D 117 -4.26 1.33 30.24
C LEU D 117 -4.11 2.84 30.38
N ASP D 118 -4.75 3.44 31.39
CA ASP D 118 -4.67 4.89 31.54
C ASP D 118 -3.23 5.35 31.80
N THR D 119 -2.52 4.61 32.65
CA THR D 119 -1.12 4.94 32.90
C THR D 119 -0.31 4.86 31.62
N LEU D 120 -0.56 3.83 30.80
CA LEU D 120 0.13 3.73 29.52
C LEU D 120 -0.19 4.92 28.62
N ASN D 121 -1.44 5.37 28.61
CA ASN D 121 -1.81 6.52 27.79
C ASN D 121 -1.03 7.76 28.22
N VAL D 122 -0.98 8.02 29.52
CA VAL D 122 -0.24 9.18 30.02
C VAL D 122 1.24 9.06 29.65
N LEU D 123 1.81 7.86 29.83
CA LEU D 123 3.21 7.66 29.56
C LEU D 123 3.54 7.84 28.08
N VAL D 124 2.66 7.39 27.19
CA VAL D 124 2.91 7.56 25.76
C VAL D 124 2.79 9.04 25.38
N LEU D 125 1.85 9.76 26.00
CA LEU D 125 1.85 11.22 25.82
C LEU D 125 3.21 11.81 26.18
N ASN D 126 3.72 11.44 27.36
CA ASN D 126 5.00 11.98 27.79
C ASN D 126 6.11 11.62 26.81
N LYS D 127 6.11 10.39 26.31
CA LYS D 127 7.21 9.96 25.47
C LYS D 127 7.14 10.59 24.07
N ILE D 128 5.94 10.80 23.55
CA ILE D 128 5.84 11.49 22.26
C ILE D 128 6.29 12.94 22.41
N CYS D 129 5.97 13.57 23.54
CA CYS D 129 6.49 14.91 23.79
C CYS D 129 8.02 14.91 23.87
N PHE D 130 8.58 13.89 24.53
CA PHE D 130 10.03 13.76 24.63
C PHE D 130 10.64 13.63 23.23
N LYS D 131 10.06 12.78 22.39
CA LYS D 131 10.56 12.61 21.03
C LYS D 131 10.46 13.91 20.24
N PHE D 132 9.37 14.65 20.41
CA PHE D 132 9.19 15.90 19.68
C PHE D 132 10.26 16.92 20.08
N PHE D 133 10.50 17.06 21.39
CA PHE D 133 11.50 18.03 21.84
C PHE D 133 12.92 17.56 21.59
N GLU D 134 13.15 16.26 21.42
CA GLU D 134 14.48 15.79 21.06
C GLU D 134 14.91 16.35 19.71
N ASN D 135 13.97 16.83 18.90
CA ASN D 135 14.26 17.40 17.60
C ASN D 135 14.42 18.92 17.65
N ILE D 136 14.36 19.53 18.83
CA ILE D 136 14.34 20.98 18.96
C ILE D 136 15.43 21.44 19.92
N GLY D 137 16.33 20.53 20.30
CA GLY D 137 17.50 20.86 21.08
C GLY D 137 17.35 20.67 22.58
N VAL D 138 16.13 20.57 23.08
CA VAL D 138 15.88 20.28 24.50
C VAL D 138 15.48 18.82 24.61
N GLN D 139 16.17 18.09 25.48
CA GLN D 139 16.14 16.63 25.45
C GLN D 139 15.97 16.03 26.84
N ASP D 140 15.31 16.76 27.74
CA ASP D 140 15.07 16.32 29.11
C ASP D 140 13.62 16.58 29.51
N PHE D 141 12.69 16.23 28.63
CA PHE D 141 11.28 16.43 28.91
C PHE D 141 10.79 15.38 29.91
N ASN D 142 10.10 15.83 30.95
CA ASN D 142 9.59 14.97 32.01
C ASN D 142 8.07 15.09 32.10
N MET D 143 7.47 14.21 32.91
CA MET D 143 6.03 14.21 33.08
C MET D 143 5.54 15.40 33.90
N THR D 144 6.39 15.96 34.76
CA THR D 144 6.01 17.15 35.51
C THR D 144 5.50 18.23 34.56
N ASP D 145 6.17 18.39 33.42
CA ASP D 145 5.80 19.43 32.46
C ASP D 145 4.35 19.31 32.01
N LEU D 146 3.74 18.14 32.17
CA LEU D 146 2.34 17.95 31.82
C LEU D 146 1.39 18.21 32.98
N TYR D 147 1.78 17.84 34.20
CA TYR D 147 0.84 17.80 35.32
C TYR D 147 1.12 18.82 36.41
N LYS D 148 2.37 19.18 36.66
CA LYS D 148 2.71 20.26 37.59
C LYS D 148 3.79 21.12 36.97
N PRO D 149 3.48 21.86 35.91
CA PRO D 149 4.49 22.69 35.26
C PRO D 149 4.83 23.89 36.12
N GLU D 150 6.02 24.43 35.88
CA GLU D 150 6.49 25.64 36.53
C GLU D 150 6.89 26.66 35.46
N ALA D 151 7.12 27.89 35.91
CA ALA D 151 7.40 28.97 34.96
C ALA D 151 8.64 28.68 34.13
N GLN D 152 9.75 28.36 34.79
CA GLN D 152 11.04 28.30 34.10
C GLN D 152 11.02 27.30 32.95
N ARG D 153 10.61 26.06 33.24
CA ARG D 153 10.57 25.05 32.19
C ARG D 153 9.59 25.44 31.10
N THR D 154 8.45 26.00 31.48
CA THR D 154 7.45 26.43 30.50
C THR D 154 8.06 27.42 29.52
N GLN D 155 8.71 28.48 30.02
CA GLN D 155 9.23 29.51 29.14
C GLN D 155 10.41 29.00 28.30
N ARG D 156 11.27 28.15 28.86
CA ARG D 156 12.36 27.62 28.04
C ARG D 156 11.81 26.79 26.88
N LEU D 157 10.80 25.95 27.15
CA LEU D 157 10.22 25.14 26.09
C LEU D 157 9.54 26.02 25.05
N LEU D 158 8.80 27.03 25.49
CA LEU D 158 8.12 27.91 24.54
C LEU D 158 9.12 28.69 23.70
N SER D 159 10.24 29.12 24.28
CA SER D 159 11.26 29.81 23.50
C SER D 159 11.86 28.89 22.45
N ALA D 160 12.16 27.65 22.84
CA ALA D 160 12.69 26.70 21.85
C ALA D 160 11.71 26.49 20.69
N VAL D 161 10.42 26.32 21.02
CA VAL D 161 9.45 26.02 19.98
C VAL D 161 9.21 27.23 19.09
N VAL D 162 9.23 28.44 19.66
CA VAL D 162 9.06 29.62 18.82
C VAL D 162 10.27 29.81 17.91
N ASN D 163 11.47 29.49 18.40
CA ASN D 163 12.63 29.53 17.51
C ASN D 163 12.45 28.56 16.36
N TYR D 164 11.96 27.36 16.65
CA TYR D 164 11.64 26.42 15.57
C TYR D 164 10.61 27.01 14.61
N ALA D 165 9.57 27.65 15.14
CA ALA D 165 8.52 28.20 14.28
C ALA D 165 9.05 29.31 13.39
N ARG D 166 9.93 30.16 13.93
CA ARG D 166 10.55 31.20 13.11
C ARG D 166 11.39 30.58 12.01
N PHE D 167 12.17 29.54 12.33
CA PHE D 167 12.92 28.85 11.29
C PHE D 167 11.98 28.27 10.25
N ARG D 168 10.87 27.68 10.69
CA ARG D 168 9.87 27.12 9.81
C ARG D 168 9.39 28.16 8.81
N GLU D 169 8.85 29.27 9.31
CA GLU D 169 8.28 30.29 8.42
C GLU D 169 9.35 30.89 7.52
N GLU D 170 10.55 31.15 8.07
CA GLU D 170 11.62 31.73 7.27
C GLU D 170 11.99 30.80 6.12
N ARG D 171 12.10 29.51 6.38
CA ARG D 171 12.53 28.57 5.34
C ARG D 171 11.39 28.19 4.41
N MET D 172 10.14 28.40 4.80
CA MET D 172 9.02 28.04 3.95
C MET D 172 9.03 28.80 2.63
N PHE D 173 9.67 29.96 2.58
CA PHE D 173 9.76 30.72 1.33
C PHE D 173 10.49 29.92 0.25
N ASP D 174 11.34 28.97 0.64
CA ASP D 174 12.05 28.12 -0.30
C ASP D 174 11.17 26.98 -0.82
N CYS D 175 10.03 26.72 -0.19
CA CYS D 175 9.17 25.61 -0.56
C CYS D 175 8.04 26.00 -1.50
N ASN D 176 7.85 27.30 -1.76
CA ASN D 176 6.79 27.71 -2.67
C ASN D 176 6.96 27.10 -4.05
N SER D 177 8.21 26.85 -4.47
CA SER D 177 8.45 26.24 -5.77
C SER D 177 7.71 24.92 -5.92
N PHE D 178 7.40 24.24 -4.82
CA PHE D 178 6.65 23.00 -4.83
C PHE D 178 5.16 23.21 -4.57
N ILE D 179 4.82 24.10 -3.65
CA ILE D 179 3.42 24.35 -3.34
C ILE D 179 2.69 24.87 -4.57
N LEU D 180 3.34 25.76 -5.32
CA LEU D 180 2.70 26.30 -6.51
C LEU D 180 2.40 25.20 -7.53
N GLN D 181 3.36 24.30 -7.76
CA GLN D 181 3.13 23.22 -8.71
C GLN D 181 2.04 22.28 -8.22
N MET D 182 2.03 21.98 -6.92
CA MET D 182 0.95 21.19 -6.36
C MET D 182 -0.41 21.82 -6.65
N GLU D 183 -0.52 23.13 -6.39
CA GLU D 183 -1.80 23.81 -6.58
C GLU D 183 -2.18 23.83 -8.06
N SER D 184 -1.20 23.98 -8.95
CA SER D 184 -1.47 23.93 -10.38
C SER D 184 -2.08 22.59 -10.78
N LEU D 185 -1.45 21.49 -10.34
CA LEU D 185 -1.96 20.18 -10.71
C LEU D 185 -3.35 19.93 -10.11
N LEU D 186 -3.55 20.32 -8.85
CA LEU D 186 -4.86 20.15 -8.24
C LEU D 186 -5.92 20.93 -9.01
N GLY D 187 -5.57 22.14 -9.46
CA GLY D 187 -6.47 22.91 -10.28
C GLY D 187 -6.81 22.20 -11.58
N GLN D 188 -5.81 21.58 -12.21
CA GLN D 188 -6.08 20.82 -13.43
C GLN D 188 -7.12 19.73 -13.17
N ILE D 189 -6.93 18.95 -12.10
CA ILE D 189 -7.86 17.86 -11.82
C ILE D 189 -9.27 18.42 -11.57
N ASN D 190 -9.36 19.47 -10.76
CA ASN D 190 -10.67 20.03 -10.44
C ASN D 190 -11.35 20.56 -11.70
N LYS D 191 -10.58 21.20 -12.58
CA LYS D 191 -11.13 21.72 -13.83
C LYS D 191 -11.69 20.59 -14.67
N LEU D 192 -10.93 19.51 -14.83
CA LEU D 192 -11.40 18.39 -15.63
C LEU D 192 -12.68 17.79 -15.04
N ASN D 193 -12.71 17.60 -13.72
CA ASN D 193 -13.90 16.99 -13.11
C ASN D 193 -15.12 17.89 -13.25
N ASP D 194 -14.95 19.20 -13.06
CA ASP D 194 -16.07 20.11 -13.22
C ASP D 194 -16.57 20.10 -14.66
N GLU D 195 -15.65 20.07 -15.63
CA GLU D 195 -16.07 20.01 -17.03
C GLU D 195 -16.85 18.74 -17.31
N ILE D 196 -16.39 17.61 -16.79
CA ILE D 196 -17.10 16.35 -17.00
C ILE D 196 -18.52 16.45 -16.44
N LYS D 197 -18.64 16.94 -15.21
CA LYS D 197 -19.97 17.03 -14.61
C LYS D 197 -20.87 17.96 -15.43
N GLN D 198 -20.33 19.07 -15.90
CA GLN D 198 -21.14 20.01 -16.67
C GLN D 198 -21.62 19.37 -17.97
N LEU D 199 -20.75 18.65 -18.66
CA LEU D 199 -21.16 17.97 -19.89
C LEU D 199 -22.29 16.97 -19.62
N GLN D 200 -22.13 16.15 -18.58
CA GLN D 200 -23.15 15.16 -18.27
C GLN D 200 -24.48 15.84 -17.95
N LYS D 201 -24.42 16.90 -17.14
CA LYS D 201 -25.63 17.61 -16.76
C LYS D 201 -26.31 18.24 -17.97
N ASP D 202 -25.53 18.83 -18.86
CA ASP D 202 -26.11 19.46 -20.06
C ASP D 202 -26.83 18.43 -20.92
N PHE D 203 -26.19 17.27 -21.13
CA PHE D 203 -26.82 16.25 -21.97
C PHE D 203 -28.12 15.76 -21.33
N GLU D 204 -28.10 15.48 -20.03
CA GLU D 204 -29.33 15.00 -19.39
C GLU D 204 -30.41 16.07 -19.41
N VAL D 205 -30.03 17.34 -19.30
CA VAL D 205 -31.02 18.42 -19.38
C VAL D 205 -31.68 18.45 -20.75
N GLU D 206 -30.88 18.32 -21.81
CA GLU D 206 -31.45 18.34 -23.16
C GLU D 206 -32.39 17.16 -23.38
N VAL D 207 -31.99 15.97 -22.93
CA VAL D 207 -32.85 14.79 -23.09
C VAL D 207 -34.15 14.98 -22.32
N LYS D 208 -34.07 15.49 -21.08
CA LYS D 208 -35.28 15.70 -20.29
C LYS D 208 -36.19 16.72 -20.96
N GLU D 209 -35.62 17.78 -21.54
CA GLU D 209 -36.42 18.76 -22.27
C GLU D 209 -37.19 18.10 -23.41
N ILE D 210 -36.50 17.28 -24.20
CA ILE D 210 -37.17 16.63 -25.33
C ILE D 210 -38.27 15.69 -24.83
N GLU D 211 -37.98 14.93 -23.76
CA GLU D 211 -38.99 14.03 -23.21
C GLU D 211 -40.21 14.81 -22.75
N ILE D 212 -40.01 15.95 -22.09
CA ILE D 212 -41.13 16.77 -21.65
C ILE D 212 -41.93 17.24 -22.85
N GLU D 213 -41.25 17.74 -23.89
CA GLU D 213 -41.94 18.19 -25.09
C GLU D 213 -42.86 17.10 -25.61
N TYR D 214 -42.33 15.90 -25.80
CA TYR D 214 -43.10 14.86 -26.46
C TYR D 214 -44.19 14.28 -25.56
N SER D 215 -43.94 14.15 -24.26
CA SER D 215 -45.00 13.70 -23.36
C SER D 215 -46.14 14.71 -23.31
N LEU D 216 -45.81 16.01 -23.27
CA LEU D 216 -46.86 17.02 -23.27
C LEU D 216 -47.66 16.99 -24.57
N LEU D 217 -46.97 16.82 -25.71
CA LEU D 217 -47.69 16.71 -26.97
C LEU D 217 -48.62 15.50 -26.96
N SER D 218 -48.14 14.36 -26.46
CA SER D 218 -48.98 13.17 -26.41
C SER D 218 -50.22 13.42 -25.55
N GLY D 219 -50.03 14.02 -24.39
CA GLY D 219 -51.17 14.33 -23.53
C GLY D 219 -52.14 15.28 -24.19
N HIS D 220 -51.63 16.27 -24.92
CA HIS D 220 -52.47 17.22 -25.64
C HIS D 220 -53.36 16.52 -26.65
N ILE D 221 -52.75 15.70 -27.52
CA ILE D 221 -53.54 14.98 -28.51
C ILE D 221 -54.54 14.06 -27.85
N ASN D 222 -54.10 13.33 -26.82
CA ASN D 222 -54.99 12.39 -26.15
C ASN D 222 -56.21 13.13 -25.59
N LYS D 223 -55.96 14.25 -24.91
CA LYS D 223 -57.05 15.03 -24.32
C LYS D 223 -58.04 15.48 -25.38
N TYR D 224 -57.55 16.14 -26.43
CA TYR D 224 -58.49 16.70 -27.40
C TYR D 224 -59.28 15.60 -28.10
N MET D 225 -58.61 14.52 -28.50
CA MET D 225 -59.32 13.44 -29.18
C MET D 225 -60.40 12.85 -28.28
N ASN D 226 -60.06 12.55 -27.02
CA ASN D 226 -61.03 11.89 -26.16
C ASN D 226 -62.18 12.82 -25.78
N GLU D 227 -61.88 14.10 -25.53
CA GLU D 227 -62.96 15.03 -25.23
C GLU D 227 -63.90 15.16 -26.43
N MET D 228 -63.33 15.26 -27.63
CA MET D 228 -64.15 15.24 -28.84
C MET D 228 -65.05 14.02 -28.87
N LEU D 229 -64.47 12.83 -28.67
CA LEU D 229 -65.23 11.60 -28.86
C LEU D 229 -66.29 11.40 -27.77
N GLU D 230 -66.04 11.87 -26.55
CA GLU D 230 -67.02 11.70 -25.50
C GLU D 230 -68.14 12.74 -25.59
N TYR D 231 -67.86 13.92 -26.15
CA TYR D 231 -68.94 14.88 -26.35
C TYR D 231 -69.74 14.62 -27.63
N MET D 232 -69.31 13.68 -28.47
CA MET D 232 -70.11 13.26 -29.62
C MET D 232 -70.67 11.86 -29.45
N GLN D 233 -70.83 11.40 -28.20
CA GLN D 233 -71.41 10.10 -27.93
C GLN D 233 -72.23 10.12 -26.65
#